data_8Y6I
#
_entry.id   8Y6I
#
_cell.length_a   1.00
_cell.length_b   1.00
_cell.length_c   1.00
_cell.angle_alpha   90.00
_cell.angle_beta   90.00
_cell.angle_gamma   90.00
#
_symmetry.space_group_name_H-M   'P 1'
#
loop_
_entity.id
_entity.type
_entity.pdbx_description
1 polymer 'ATP-dependent translocase ABCB1,mNeonGreen'
2 polymer 'UIC2 Fab light chain'
3 polymer 'UIC2 Fab heavy chain'
4 non-polymer CHOLESTEROL
5 non-polymer 1,2-Distearoyl-sn-glycerophosphoethanolamine
6 non-polymer elacridar
#
loop_
_entity_poly.entity_id
_entity_poly.type
_entity_poly.pdbx_seq_one_letter_code
_entity_poly.pdbx_strand_id
1 'polypeptide(L)'
;MDLEGDRNGGAKKKNFFKLNNKSEKDKKEKKPTVSVFSMFRYSNWLDKLYMVVGTLAAIIHGAGLPLMMLVFGEMTDIFA
NAGNLEDLMSNITNRSDINDTGFFMNLEEDMTRYAYYYSGIGAGVLVAAYIQVSFWCLAAGRQIHKIRKQFFHAIMRQEI
GWFDVHDVGELNTRLTDDVSKINEGIGDKIGMFFQSMATFFTGFIVGFTRGWKLTLVILAISPVLGLSAAVWAKILSSFT
DKELLAYAKAGAVAEEVLAAIRTVIAFGGQKKELERYNKNLEEAKRIGIKKAITANISIGAAFLLIYASYALAFWYGTTL
VLSGEYSIGQVLTVFFSVLIGAFSVGQASPSIEAFANARGAAYEIFKIIDNKPSIDSYSKSGHKPDNIKGNLEFRNVHFS
YPSRKEVKILKGLNLKVQSGQTVALVGNSGCGKSTTVQLMQRLYDPTEGMVSVDGQDIRTINVRFLREIIGVVSQEPVLF
ATTIAENIRYGRENVTMDEIEKAVKEANAYDFIMKLPHKFDTLVGERGAQLSGGQKQRIAIARALVRNPKILLLDEATSA
LDTESEAVVQVALDKARKGRTTIVIAHRLSTVRNADVIAGFDDGVIVEKGNHDELMKEKGIYFKLVTMQTAGNEVELENA
ADESKSEIDALEMSSNDSRSSLIRKRSTRRSVRGSQAQDRKLSTKEALDESIPPVSFWRIMKLNLTEWPYFVVGVFCAII
NGGLQPAFAIIFSKIIGVFTRIDDPETKRQNSNLFSLLFLALGIISFITFFLQGFTFGKAGEILTKRLRYMVFRSMLRQD
VSWFDDPKNTTGALTTRLANDAAQVKGAIGSRLAVITQNIANLGTGIIISFIYGWQLTLLLLAIVPIIAIAGVVEMKMLS
GQALKDKKELEGSGKIATEAIENFRTVVSLTQEQKFEHMYAQSLQVPYRNSLRKAHIFGITFSFTQAMMYFSYAGCFRFG
AYLVAHKLMSFEDVLLVFSAVVFGAMAVGQVSSFAPDYAKAKISAAHIIMIIEKTPLIDSYSTEGLMPNTLEGNVTFGEV
VFNYPTRPDIPVLQGLSLEVKKGQTLALVGSSGCGKSTVVQLLERFYDPLAGKVLLDGKEIKRLNVQWLRAHLGIVSQEP
ILFDCSIAENIAYGDNSRVVSQEEIVRAAKEANIHAFIESLPNKYSTKVGDKGTQLSGGQKQRIAIARALVRQPHILLLD
EATSALDTESEKVVQEALDKAREGRTCIVIAHRLSTIQNADLIVVFQNGRVKEHGTHQQLLAQKGIYFSMVSVQAGTKRQ
LEVLFQGPRPRGSKGEEDNMASLPATHELHIFGSINGVDFDMVGQGTGNPNDGYEELNLKSTKGDLQFSPWILVPHIGYG
FHQYLPYPDGMSPFQAAMVDGSGYQVHRTMQFEDGASLTVNYRYTYEGSHIKGEAQVKGTGFPADGPVMTNSLTAADWCR
SKKTYPNDKTIISTFKWSYTTGNGKRYRSTARTTYTFAKPMAANYLKNQPMYVFRKTELKHSKTELNFKEWQKAFTDVMG
MDELYKHHHHHHHH
;
A
2 'polypeptide(L)'
;QVVMTQSPLSLPVSLGDQASISCRSSQSLLHSNGNTYLHWYLQKPGQSPKLLIYKVSNRFSGVPDRFSGSGSGTDFTLKI
SRVEAEDLGVYFCSQSTHIPPWTFGGGTKLDIKRADAAPTVSIFPPSSEQLTSGGLSVVCFLNNFYPKDINVKWKIDGSE
RQNGVLNSWTDQDSKDSTYSMSSTLTLTKDEYERHNSYTCEATHKTSTSPIVKSFNRNEC
;
B
3 'polypeptide(L)'
;EVQLQESGPELVKTGASVKISCKASGYSFSNYYIHWVKQSHGKSLEWIGFISCYNGATFYNQKFKGKATFTVDNSSSTAY
MKFNSLTFEDSAVYYCARLPIQFGNFYPMDYWGQGTTVTVSSAKTTAPSVYPLAPVCGDTTGSSVTLGCLVKGYFPEPVT
LTWNSGSLSSGVHTFPAVLQSDLYTLSSSVTVTSSTWPSQSITCNVAHPASSTKVDKKIEPRGPT
;
C
#
loop_
_chem_comp.id
_chem_comp.type
_chem_comp.name
_chem_comp.formula
3PE non-polymer 1,2-Distearoyl-sn-glycerophosphoethanolamine 'C41 H82 N O8 P'
CLR non-polymer CHOLESTEROL 'C27 H46 O'
R0Z non-polymer elacridar 'C34 H33 N3 O5'
#
# COMPACT_ATOMS: atom_id res chain seq x y z
N PRO A 32 -9.64 -23.28 -39.94
CA PRO A 32 -8.90 -22.87 -41.14
C PRO A 32 -8.34 -21.46 -41.03
N THR A 33 -7.14 -21.33 -40.48
CA THR A 33 -6.50 -20.04 -40.31
C THR A 33 -5.15 -20.03 -41.01
N VAL A 34 -4.73 -18.84 -41.44
CA VAL A 34 -3.41 -18.67 -42.03
C VAL A 34 -2.35 -18.69 -40.93
N SER A 35 -1.09 -18.74 -41.34
CA SER A 35 0.01 -18.74 -40.38
C SER A 35 0.10 -17.38 -39.68
N VAL A 36 0.80 -17.39 -38.54
CA VAL A 36 0.94 -16.16 -37.76
C VAL A 36 1.76 -15.14 -38.53
N PHE A 37 2.90 -15.55 -39.05
CA PHE A 37 3.77 -14.67 -39.81
C PHE A 37 3.39 -14.57 -41.28
N SER A 38 2.23 -15.10 -41.67
CA SER A 38 1.73 -14.93 -43.03
C SER A 38 0.73 -13.79 -43.16
N MET A 39 0.16 -13.31 -42.07
CA MET A 39 -0.77 -12.20 -42.15
C MET A 39 -0.09 -10.85 -42.35
N PHE A 40 1.21 -10.77 -42.06
CA PHE A 40 1.97 -9.55 -42.28
C PHE A 40 2.81 -9.62 -43.56
N ARG A 41 2.32 -10.35 -44.56
CA ARG A 41 3.05 -10.50 -45.81
C ARG A 41 3.13 -9.18 -46.58
N TYR A 42 2.13 -8.30 -46.41
CA TYR A 42 2.07 -7.05 -47.13
C TYR A 42 2.67 -5.89 -46.34
N SER A 43 3.46 -6.19 -45.32
CA SER A 43 4.11 -5.17 -44.51
C SER A 43 5.55 -5.00 -44.98
N ASN A 44 5.91 -3.80 -45.41
CA ASN A 44 7.25 -3.54 -45.89
C ASN A 44 8.17 -3.19 -44.71
N TRP A 45 9.38 -2.72 -45.02
CA TRP A 45 10.32 -2.37 -43.96
C TRP A 45 9.77 -1.27 -43.06
N LEU A 46 9.03 -0.32 -43.64
CA LEU A 46 8.47 0.76 -42.84
C LEU A 46 7.41 0.25 -41.88
N ASP A 47 6.57 -0.68 -42.34
CA ASP A 47 5.55 -1.25 -41.46
C ASP A 47 6.18 -2.11 -40.38
N LYS A 48 7.24 -2.84 -40.71
CA LYS A 48 7.93 -3.63 -39.69
C LYS A 48 8.56 -2.74 -38.63
N LEU A 49 9.20 -1.65 -39.06
CA LEU A 49 9.76 -0.69 -38.10
C LEU A 49 8.66 -0.08 -37.25
N TYR A 50 7.53 0.26 -37.87
CA TYR A 50 6.39 0.79 -37.12
C TYR A 50 5.95 -0.19 -36.05
N MET A 51 5.81 -1.46 -36.41
CA MET A 51 5.34 -2.45 -35.44
C MET A 51 6.33 -2.65 -34.32
N VAL A 52 7.63 -2.68 -34.63
CA VAL A 52 8.64 -2.88 -33.60
C VAL A 52 8.67 -1.71 -32.62
N VAL A 53 8.75 -0.48 -33.15
CA VAL A 53 8.77 0.68 -32.27
C VAL A 53 7.44 0.81 -31.53
N GLY A 54 6.34 0.35 -32.14
CA GLY A 54 5.06 0.42 -31.48
C GLY A 54 4.95 -0.52 -30.30
N THR A 55 5.44 -1.75 -30.44
CA THR A 55 5.40 -2.64 -29.29
C THR A 55 6.40 -2.22 -28.22
N LEU A 56 7.53 -1.63 -28.62
CA LEU A 56 8.44 -1.08 -27.61
C LEU A 56 7.76 0.03 -26.81
N ALA A 57 7.13 0.98 -27.51
CA ALA A 57 6.42 2.05 -26.81
C ALA A 57 5.25 1.52 -26.01
N ALA A 58 4.63 0.42 -26.46
CA ALA A 58 3.53 -0.16 -25.70
C ALA A 58 4.02 -0.77 -24.40
N ILE A 59 5.17 -1.44 -24.44
CA ILE A 59 5.75 -1.96 -23.21
C ILE A 59 6.12 -0.81 -22.26
N ILE A 60 6.71 0.26 -22.81
CA ILE A 60 7.06 1.41 -21.97
C ILE A 60 5.81 2.03 -21.36
N HIS A 61 4.73 2.11 -22.13
CA HIS A 61 3.49 2.69 -21.63
C HIS A 61 2.85 1.81 -20.56
N GLY A 62 2.88 0.48 -20.76
CA GLY A 62 2.32 -0.42 -19.78
C GLY A 62 3.11 -0.44 -18.48
N ALA A 63 4.41 -0.21 -18.56
CA ALA A 63 5.24 -0.16 -17.36
C ALA A 63 5.16 1.18 -16.63
N GLY A 64 4.13 1.98 -16.89
CA GLY A 64 4.04 3.30 -16.30
C GLY A 64 3.14 3.37 -15.08
N LEU A 65 2.09 2.55 -15.05
CA LEU A 65 1.17 2.60 -13.92
C LEU A 65 1.76 1.98 -12.65
N PRO A 66 2.45 0.83 -12.69
CA PRO A 66 3.06 0.33 -11.46
C PRO A 66 4.16 1.24 -10.91
N LEU A 67 4.95 1.87 -11.78
CA LEU A 67 5.91 2.84 -11.31
C LEU A 67 5.22 4.00 -10.63
N MET A 68 4.08 4.44 -11.18
CA MET A 68 3.31 5.50 -10.55
C MET A 68 2.78 5.06 -9.19
N MET A 69 2.38 3.80 -9.06
CA MET A 69 1.93 3.31 -7.76
C MET A 69 3.06 3.24 -6.76
N LEU A 70 4.27 2.92 -7.23
CA LEU A 70 5.44 2.96 -6.36
C LEU A 70 5.68 4.37 -5.82
N VAL A 71 5.66 5.36 -6.73
CA VAL A 71 5.85 6.75 -6.31
C VAL A 71 4.72 7.18 -5.37
N PHE A 72 3.50 6.74 -5.65
CA PHE A 72 2.37 7.05 -4.79
C PHE A 72 2.55 6.48 -3.38
N GLY A 73 3.04 5.26 -3.29
CA GLY A 73 3.30 4.67 -1.98
C GLY A 73 4.38 5.41 -1.22
N GLU A 74 5.45 5.81 -1.91
CA GLU A 74 6.50 6.57 -1.24
C GLU A 74 5.97 7.92 -0.72
N MET A 75 5.18 8.61 -1.54
CA MET A 75 4.61 9.87 -1.11
C MET A 75 3.65 9.69 0.06
N THR A 76 2.84 8.62 0.02
CA THR A 76 1.95 8.32 1.14
C THR A 76 2.74 8.06 2.42
N ASP A 77 3.88 7.37 2.30
CA ASP A 77 4.71 7.15 3.47
C ASP A 77 5.25 8.46 4.02
N ILE A 78 5.65 9.38 3.13
CA ILE A 78 6.11 10.69 3.59
C ILE A 78 5.01 11.39 4.39
N PHE A 79 3.80 11.45 3.81
CA PHE A 79 2.69 12.12 4.48
C PHE A 79 2.37 11.46 5.82
N ALA A 80 2.35 10.13 5.85
CA ALA A 80 1.99 9.41 7.07
C ALA A 80 3.02 9.62 8.16
N ASN A 81 4.31 9.60 7.80
CA ASN A 81 5.35 9.83 8.80
C ASN A 81 5.28 11.24 9.34
N ALA A 82 5.07 12.23 8.48
CA ALA A 82 4.93 13.60 8.96
C ALA A 82 3.74 13.75 9.89
N GLY A 83 2.61 13.14 9.52
CA GLY A 83 1.43 13.23 10.37
C GLY A 83 1.63 12.55 11.72
N ASN A 84 2.28 11.38 11.72
CA ASN A 84 2.54 10.68 12.97
C ASN A 84 3.46 11.49 13.87
N LEU A 85 4.51 12.07 13.30
CA LEU A 85 5.42 12.87 14.12
C LEU A 85 4.73 14.12 14.66
N GLU A 86 3.86 14.74 13.86
CA GLU A 86 3.15 15.92 14.34
C GLU A 86 2.16 15.56 15.44
N ASP A 87 1.46 14.43 15.29
CA ASP A 87 0.54 14.00 16.34
C ASP A 87 1.29 13.60 17.61
N LEU A 88 2.52 13.13 17.48
CA LEU A 88 3.31 12.78 18.65
C LEU A 88 3.79 14.03 19.38
N MET A 89 4.53 14.90 18.67
CA MET A 89 4.98 16.17 19.24
C MET A 89 3.89 17.24 19.12
N SER A 90 2.83 17.05 19.91
CA SER A 90 1.75 18.02 19.93
C SER A 90 2.06 19.18 20.88
N ASN A 91 2.21 18.87 22.17
CA ASN A 91 2.53 19.89 23.16
C ASN A 91 4.00 19.84 23.56
N PHE A 104 5.99 19.13 9.63
CA PHE A 104 5.54 19.66 8.35
C PHE A 104 6.49 20.73 7.82
N MET A 105 7.73 20.71 8.31
CA MET A 105 8.68 21.74 7.91
C MET A 105 9.45 21.35 6.65
N ASN A 106 9.45 20.07 6.30
CA ASN A 106 10.06 19.60 5.06
C ASN A 106 9.05 18.99 4.11
N LEU A 107 7.75 19.10 4.41
CA LEU A 107 6.73 18.40 3.64
C LEU A 107 6.65 18.95 2.22
N GLU A 108 6.60 20.27 2.07
CA GLU A 108 6.50 20.86 0.75
C GLU A 108 7.76 20.61 -0.07
N GLU A 109 8.92 20.69 0.56
CA GLU A 109 10.17 20.43 -0.14
C GLU A 109 10.26 18.98 -0.59
N ASP A 110 9.77 18.06 0.23
CA ASP A 110 9.77 16.65 -0.15
C ASP A 110 8.74 16.37 -1.24
N MET A 111 7.63 17.09 -1.24
CA MET A 111 6.58 16.86 -2.23
C MET A 111 6.90 17.49 -3.57
N THR A 112 7.76 18.51 -3.62
CA THR A 112 8.21 19.02 -4.90
C THR A 112 8.89 17.93 -5.72
N ARG A 113 9.73 17.12 -5.06
CA ARG A 113 10.41 16.04 -5.75
C ARG A 113 9.43 15.02 -6.30
N TYR A 114 8.39 14.68 -5.53
CA TYR A 114 7.44 13.68 -5.99
C TYR A 114 6.51 14.24 -7.05
N ALA A 115 6.22 15.54 -7.02
CA ALA A 115 5.52 16.16 -8.13
C ALA A 115 6.35 16.09 -9.40
N TYR A 116 7.67 16.29 -9.27
CA TYR A 116 8.56 16.13 -10.41
C TYR A 116 8.53 14.70 -10.94
N TYR A 117 8.54 13.71 -10.04
CA TYR A 117 8.47 12.32 -10.47
C TYR A 117 7.16 12.01 -11.19
N TYR A 118 6.04 12.48 -10.62
CA TYR A 118 4.75 12.31 -11.27
C TYR A 118 4.75 12.93 -12.67
N SER A 119 5.29 14.15 -12.79
CA SER A 119 5.29 14.83 -14.09
C SER A 119 6.20 14.11 -15.08
N GLY A 120 7.32 13.57 -14.62
CA GLY A 120 8.19 12.83 -15.51
C GLY A 120 7.53 11.57 -16.04
N ILE A 121 6.90 10.80 -15.14
CA ILE A 121 6.16 9.62 -15.57
C ILE A 121 5.03 10.00 -16.51
N GLY A 122 4.38 11.14 -16.26
CA GLY A 122 3.30 11.57 -17.13
C GLY A 122 3.78 11.93 -18.53
N ALA A 123 4.88 12.66 -18.62
CA ALA A 123 5.43 13.00 -19.94
C ALA A 123 5.90 11.76 -20.69
N GLY A 124 6.56 10.84 -19.97
CA GLY A 124 6.94 9.58 -20.60
C GLY A 124 5.75 8.79 -21.10
N VAL A 125 4.68 8.74 -20.31
CA VAL A 125 3.48 8.03 -20.72
C VAL A 125 2.84 8.71 -21.93
N LEU A 126 2.81 10.04 -21.93
CA LEU A 126 2.33 10.79 -23.09
C LEU A 126 3.06 10.35 -24.36
N VAL A 127 4.39 10.47 -24.35
CA VAL A 127 5.17 10.16 -25.54
C VAL A 127 4.97 8.70 -25.95
N ALA A 128 5.06 7.78 -24.99
CA ALA A 128 5.01 6.36 -25.31
C ALA A 128 3.64 5.95 -25.84
N ALA A 129 2.57 6.45 -25.22
CA ALA A 129 1.23 6.11 -25.69
C ALA A 129 0.97 6.67 -27.08
N TYR A 130 1.40 7.92 -27.33
CA TYR A 130 1.26 8.46 -28.67
C TYR A 130 1.98 7.60 -29.69
N ILE A 131 3.25 7.26 -29.41
CA ILE A 131 4.03 6.47 -30.36
C ILE A 131 3.35 5.13 -30.62
N GLN A 132 2.95 4.44 -29.55
CA GLN A 132 2.33 3.13 -29.68
C GLN A 132 1.07 3.20 -30.54
N VAL A 133 0.12 4.06 -30.15
CA VAL A 133 -1.16 4.13 -30.85
C VAL A 133 -0.94 4.51 -32.31
N SER A 134 -0.19 5.59 -32.55
CA SER A 134 0.00 6.09 -33.90
C SER A 134 0.68 5.05 -34.78
N PHE A 135 1.73 4.40 -34.28
CA PHE A 135 2.49 3.49 -35.11
C PHE A 135 1.68 2.24 -35.44
N TRP A 136 0.97 1.68 -34.46
CA TRP A 136 0.16 0.51 -34.75
C TRP A 136 -0.99 0.84 -35.70
N CYS A 137 -1.61 2.01 -35.51
CA CYS A 137 -2.67 2.43 -36.43
C CYS A 137 -2.13 2.60 -37.85
N LEU A 138 -0.95 3.20 -37.99
CA LEU A 138 -0.38 3.41 -39.31
C LEU A 138 -0.06 2.10 -40.00
N ALA A 139 0.59 1.18 -39.28
CA ALA A 139 0.92 -0.12 -39.87
C ALA A 139 -0.35 -0.85 -40.30
N ALA A 140 -1.35 -0.90 -39.42
CA ALA A 140 -2.60 -1.57 -39.76
C ALA A 140 -3.26 -0.94 -40.99
N GLY A 141 -3.29 0.40 -41.03
CA GLY A 141 -3.94 1.07 -42.14
C GLY A 141 -3.26 0.81 -43.47
N ARG A 142 -1.92 0.87 -43.49
CA ARG A 142 -1.21 0.61 -44.74
C ARG A 142 -1.40 -0.82 -45.20
N GLN A 143 -1.29 -1.79 -44.27
CA GLN A 143 -1.49 -3.18 -44.65
C GLN A 143 -2.90 -3.42 -45.15
N ILE A 144 -3.90 -2.79 -44.53
CA ILE A 144 -5.28 -2.98 -44.95
C ILE A 144 -5.53 -2.36 -46.32
N HIS A 145 -4.90 -1.21 -46.59
CA HIS A 145 -5.01 -0.62 -47.93
C HIS A 145 -4.45 -1.57 -48.98
N LYS A 146 -3.25 -2.10 -48.74
CA LYS A 146 -2.66 -3.03 -49.69
C LYS A 146 -3.54 -4.28 -49.86
N ILE A 147 -4.10 -4.77 -48.76
CA ILE A 147 -4.93 -5.97 -48.82
C ILE A 147 -6.19 -5.70 -49.63
N ARG A 148 -6.84 -4.56 -49.41
CA ARG A 148 -8.03 -4.21 -50.18
C ARG A 148 -7.71 -4.15 -51.67
N LYS A 149 -6.63 -3.46 -52.03
CA LYS A 149 -6.27 -3.35 -53.44
C LYS A 149 -6.01 -4.72 -54.05
N GLN A 150 -5.22 -5.54 -53.37
CA GLN A 150 -4.90 -6.87 -53.90
C GLN A 150 -6.14 -7.74 -54.02
N PHE A 151 -7.05 -7.64 -53.04
CA PHE A 151 -8.24 -8.47 -53.06
C PHE A 151 -9.15 -8.09 -54.21
N PHE A 152 -9.33 -6.79 -54.47
CA PHE A 152 -10.17 -6.41 -55.60
C PHE A 152 -9.49 -6.75 -56.92
N HIS A 153 -8.16 -6.59 -56.99
CA HIS A 153 -7.43 -6.98 -58.19
C HIS A 153 -7.61 -8.45 -58.50
N ALA A 154 -7.57 -9.31 -57.48
CA ALA A 154 -7.76 -10.73 -57.70
C ALA A 154 -9.22 -11.08 -57.98
N ILE A 155 -10.16 -10.33 -57.40
CA ILE A 155 -11.57 -10.60 -57.63
C ILE A 155 -11.91 -10.32 -59.09
N MET A 156 -11.41 -9.21 -59.63
CA MET A 156 -11.63 -8.93 -61.05
C MET A 156 -10.85 -9.87 -61.95
N ARG A 157 -9.87 -10.60 -61.40
CA ARG A 157 -9.05 -11.51 -62.18
C ARG A 157 -9.61 -12.93 -62.27
N GLN A 158 -10.69 -13.22 -61.55
CA GLN A 158 -11.23 -14.57 -61.53
C GLN A 158 -11.92 -14.90 -62.85
N GLU A 159 -12.25 -16.18 -63.02
CA GLU A 159 -12.90 -16.67 -64.21
C GLU A 159 -14.41 -16.61 -64.08
N ILE A 160 -15.09 -16.78 -65.21
CA ILE A 160 -16.56 -16.79 -65.19
C ILE A 160 -17.08 -18.04 -64.49
N GLY A 161 -16.45 -19.19 -64.73
CA GLY A 161 -16.81 -20.38 -63.98
C GLY A 161 -16.57 -20.24 -62.49
N TRP A 162 -15.56 -19.47 -62.11
CA TRP A 162 -15.35 -19.15 -60.70
C TRP A 162 -16.47 -18.27 -60.17
N PHE A 163 -16.79 -17.21 -60.90
CA PHE A 163 -17.86 -16.30 -60.49
C PHE A 163 -19.22 -16.97 -60.59
N HIS A 166 -20.66 -18.93 -56.12
CA HIS A 166 -19.76 -18.08 -55.36
C HIS A 166 -20.44 -16.78 -54.96
N ASP A 167 -21.66 -16.59 -55.46
CA ASP A 167 -22.47 -15.41 -55.16
C ASP A 167 -21.74 -14.11 -55.47
N GLY A 169 -23.37 -11.10 -53.27
CA GLY A 169 -23.77 -11.17 -51.88
C GLY A 169 -22.66 -11.65 -50.97
N GLU A 170 -22.31 -12.94 -51.10
CA GLU A 170 -21.25 -13.51 -50.26
C GLU A 170 -19.92 -12.82 -50.51
N LEU A 171 -19.56 -12.64 -51.79
CA LEU A 171 -18.29 -12.02 -52.12
C LEU A 171 -18.25 -10.55 -51.68
N ASN A 172 -19.36 -9.84 -51.85
CA ASN A 172 -19.43 -8.44 -51.42
C ASN A 172 -19.27 -8.34 -49.91
N THR A 173 -20.02 -9.17 -49.17
CA THR A 173 -19.90 -9.16 -47.71
C THR A 173 -18.49 -9.52 -47.27
N ARG A 174 -17.87 -10.48 -47.94
CA ARG A 174 -16.46 -10.77 -47.68
C ARG A 174 -15.60 -9.51 -47.84
N LEU A 175 -15.72 -8.86 -49.00
CA LEU A 175 -14.89 -7.69 -49.29
C LEU A 175 -15.08 -6.59 -48.25
N THR A 176 -16.31 -6.41 -47.76
CA THR A 176 -16.54 -5.28 -46.85
C THR A 176 -16.40 -5.65 -45.38
N ASP A 177 -16.33 -6.94 -45.03
CA ASP A 177 -16.30 -7.33 -43.62
C ASP A 177 -15.06 -8.09 -43.21
N ASP A 178 -14.52 -8.97 -44.06
CA ASP A 178 -13.34 -9.72 -43.68
C ASP A 178 -12.12 -8.81 -43.60
N VAL A 179 -12.03 -7.80 -44.46
CA VAL A 179 -10.93 -6.85 -44.37
C VAL A 179 -11.04 -6.02 -43.09
N SER A 180 -12.27 -5.69 -42.68
CA SER A 180 -12.46 -4.99 -41.41
C SER A 180 -12.08 -5.89 -40.24
N LYS A 181 -12.36 -7.19 -40.35
CA LYS A 181 -11.93 -8.13 -39.32
C LYS A 181 -10.41 -8.16 -39.22
N ILE A 182 -9.73 -8.25 -40.37
CA ILE A 182 -8.27 -8.22 -40.36
C ILE A 182 -7.75 -6.93 -39.76
N ASN A 183 -8.40 -5.80 -40.09
CA ASN A 183 -7.99 -4.51 -39.54
C ASN A 183 -8.12 -4.50 -38.03
N GLU A 184 -9.25 -4.97 -37.51
CA GLU A 184 -9.43 -5.03 -36.07
C GLU A 184 -8.43 -5.98 -35.42
N GLY A 185 -8.03 -7.03 -36.12
CA GLY A 185 -7.12 -8.00 -35.54
C GLY A 185 -5.66 -7.60 -35.53
N ILE A 186 -5.20 -6.89 -36.55
CA ILE A 186 -3.79 -6.53 -36.67
C ILE A 186 -3.55 -5.07 -36.27
N GLY A 187 -4.53 -4.43 -35.65
CA GLY A 187 -4.43 -3.01 -35.38
C GLY A 187 -3.99 -2.66 -33.97
N ASP A 188 -4.83 -1.88 -33.29
CA ASP A 188 -4.49 -1.39 -31.95
C ASP A 188 -4.56 -2.49 -30.90
N LYS A 189 -5.18 -3.63 -31.22
CA LYS A 189 -5.37 -4.66 -30.21
C LYS A 189 -4.06 -5.38 -29.88
N ILE A 190 -3.12 -5.44 -30.82
CA ILE A 190 -1.80 -6.00 -30.51
C ILE A 190 -1.06 -5.08 -29.55
N GLY A 191 -1.16 -3.76 -29.78
CA GLY A 191 -0.58 -2.82 -28.84
C GLY A 191 -1.24 -2.91 -27.47
N MET A 192 -2.55 -3.12 -27.45
CA MET A 192 -3.26 -3.32 -26.19
C MET A 192 -2.71 -4.54 -25.45
N PHE A 193 -2.56 -5.64 -26.18
CA PHE A 193 -2.08 -6.88 -25.57
C PHE A 193 -0.67 -6.70 -25.01
N PHE A 194 0.22 -6.07 -25.77
CA PHE A 194 1.58 -5.88 -25.28
C PHE A 194 1.63 -4.91 -24.11
N GLN A 195 0.84 -3.82 -24.17
CA GLN A 195 0.79 -2.88 -23.05
C GLN A 195 0.29 -3.55 -21.79
N SER A 196 -0.73 -4.40 -21.90
CA SER A 196 -1.28 -5.04 -20.72
C SER A 196 -0.35 -6.13 -20.20
N MET A 197 0.36 -6.84 -21.08
CA MET A 197 1.39 -7.76 -20.61
C MET A 197 2.48 -7.02 -19.85
N ALA A 198 2.92 -5.88 -20.37
CA ALA A 198 3.91 -5.07 -19.66
C ALA A 198 3.38 -4.61 -18.32
N THR A 199 2.12 -4.17 -18.28
CA THR A 199 1.52 -3.74 -17.01
C THR A 199 1.49 -4.88 -16.00
N PHE A 200 1.04 -6.07 -16.43
CA PHE A 200 0.99 -7.21 -15.54
C PHE A 200 2.36 -7.57 -14.98
N PHE A 201 3.34 -7.74 -15.87
CA PHE A 201 4.68 -8.13 -15.41
C PHE A 201 5.31 -7.07 -14.54
N THR A 202 5.19 -5.79 -14.93
CA THR A 202 5.79 -4.72 -14.15
C THR A 202 5.14 -4.59 -12.78
N GLY A 203 3.80 -4.69 -12.73
CA GLY A 203 3.12 -4.61 -11.45
C GLY A 203 3.50 -5.75 -10.53
N PHE A 204 3.62 -6.97 -11.07
CA PHE A 204 3.98 -8.08 -10.20
C PHE A 204 5.45 -8.00 -9.77
N ILE A 205 6.33 -7.49 -10.64
CA ILE A 205 7.73 -7.31 -10.24
C ILE A 205 7.83 -6.26 -9.14
N VAL A 206 7.10 -5.16 -9.29
CA VAL A 206 7.10 -4.11 -8.27
C VAL A 206 6.55 -4.65 -6.95
N GLY A 207 5.45 -5.40 -7.03
CA GLY A 207 4.89 -5.98 -5.82
C GLY A 207 5.83 -6.93 -5.13
N PHE A 208 6.54 -7.78 -5.90
CA PHE A 208 7.44 -8.74 -5.30
C PHE A 208 8.69 -8.08 -4.73
N THR A 209 9.13 -6.97 -5.33
CA THR A 209 10.28 -6.26 -4.81
C THR A 209 9.93 -5.33 -3.66
N ARG A 210 8.64 -5.00 -3.49
CA ARG A 210 8.23 -4.11 -2.42
C ARG A 210 7.68 -4.83 -1.21
N GLY A 211 6.93 -5.91 -1.40
CA GLY A 211 6.37 -6.67 -0.30
C GLY A 211 5.85 -8.03 -0.73
N TRP A 212 6.69 -9.06 -0.58
CA TRP A 212 6.39 -10.35 -1.19
C TRP A 212 5.28 -11.09 -0.46
N LYS A 213 5.08 -10.86 0.83
CA LYS A 213 4.00 -11.54 1.55
C LYS A 213 2.64 -11.07 1.05
N LEU A 214 2.41 -9.75 1.06
CA LEU A 214 1.18 -9.21 0.52
C LEU A 214 1.06 -9.51 -0.97
N THR A 215 2.19 -9.54 -1.67
CA THR A 215 2.16 -9.87 -3.09
C THR A 215 1.65 -11.29 -3.32
N LEU A 216 2.10 -12.24 -2.49
CA LEU A 216 1.60 -13.61 -2.60
C LEU A 216 0.14 -13.71 -2.21
N VAL A 217 -0.28 -12.95 -1.19
CA VAL A 217 -1.67 -12.98 -0.77
C VAL A 217 -2.57 -12.49 -1.89
N ILE A 218 -2.15 -11.45 -2.62
CA ILE A 218 -2.97 -10.96 -3.72
C ILE A 218 -2.79 -11.83 -4.96
N LEU A 219 -1.64 -12.52 -5.08
CA LEU A 219 -1.46 -13.50 -6.14
C LEU A 219 -2.47 -14.64 -6.01
N ALA A 220 -2.75 -15.04 -4.77
CA ALA A 220 -3.70 -16.13 -4.54
C ALA A 220 -5.08 -15.82 -5.12
N ILE A 221 -5.44 -14.55 -5.25
CA ILE A 221 -6.72 -14.16 -5.84
C ILE A 221 -6.57 -13.55 -7.22
N SER A 222 -5.34 -13.34 -7.69
CA SER A 222 -5.14 -12.85 -9.05
C SER A 222 -5.81 -13.70 -10.13
N PRO A 223 -5.87 -15.03 -10.05
CA PRO A 223 -6.58 -15.78 -11.10
C PRO A 223 -8.04 -15.38 -11.26
N VAL A 224 -8.79 -15.27 -10.17
CA VAL A 224 -10.20 -14.93 -10.31
C VAL A 224 -10.36 -13.48 -10.75
N LEU A 225 -9.42 -12.60 -10.37
CA LEU A 225 -9.47 -11.23 -10.84
C LEU A 225 -9.26 -11.16 -12.35
N GLY A 226 -8.26 -11.86 -12.86
CA GLY A 226 -8.04 -11.89 -14.29
C GLY A 226 -9.19 -12.55 -15.05
N LEU A 227 -9.77 -13.59 -14.47
CA LEU A 227 -10.90 -14.26 -15.10
C LEU A 227 -12.11 -13.33 -15.17
N SER A 228 -12.39 -12.61 -14.08
CA SER A 228 -13.50 -11.66 -14.08
C SER A 228 -13.24 -10.52 -15.07
N ALA A 229 -12.00 -10.04 -15.16
CA ALA A 229 -11.69 -9.00 -16.13
C ALA A 229 -11.87 -9.50 -17.56
N ALA A 230 -11.47 -10.75 -17.83
CA ALA A 230 -11.63 -11.31 -19.16
C ALA A 230 -13.11 -11.48 -19.51
N VAL A 231 -13.91 -11.96 -18.55
CA VAL A 231 -15.35 -12.11 -18.81
C VAL A 231 -15.98 -10.75 -19.03
N TRP A 232 -15.57 -9.75 -18.24
CA TRP A 232 -16.07 -8.40 -18.42
C TRP A 232 -15.77 -7.88 -19.82
N ALA A 233 -14.51 -8.03 -20.25
CA ALA A 233 -14.13 -7.55 -21.58
C ALA A 233 -14.88 -8.29 -22.68
N LYS A 234 -15.06 -9.60 -22.52
CA LYS A 234 -15.77 -10.36 -23.53
C LYS A 234 -17.24 -9.94 -23.61
N ILE A 235 -17.87 -9.71 -22.46
CA ILE A 235 -19.26 -9.25 -22.45
C ILE A 235 -19.38 -7.89 -23.11
N LEU A 236 -18.43 -7.00 -22.83
CA LEU A 236 -18.48 -5.67 -23.42
C LEU A 236 -18.23 -5.72 -24.93
N SER A 237 -17.36 -6.64 -25.37
CA SER A 237 -17.02 -6.70 -26.78
C SER A 237 -18.10 -7.37 -27.61
N SER A 238 -18.80 -8.36 -27.04
CA SER A 238 -19.82 -9.10 -27.76
C SER A 238 -21.24 -8.74 -27.30
N PHE A 239 -21.49 -7.46 -27.04
CA PHE A 239 -22.81 -7.05 -26.56
C PHE A 239 -23.74 -6.72 -27.72
N THR A 240 -23.26 -5.96 -28.70
CA THR A 240 -24.09 -5.57 -29.83
C THR A 240 -24.31 -6.74 -30.80
N ASP A 241 -23.28 -7.55 -31.00
CA ASP A 241 -23.42 -8.72 -31.87
C ASP A 241 -24.49 -9.67 -31.35
N LYS A 242 -24.59 -9.82 -30.03
CA LYS A 242 -25.64 -10.67 -29.48
C LYS A 242 -27.01 -10.02 -29.59
N GLU A 243 -27.08 -8.68 -29.49
CA GLU A 243 -28.35 -8.00 -29.73
C GLU A 243 -28.81 -8.17 -31.17
N LEU A 244 -27.88 -8.29 -32.11
CA LEU A 244 -28.24 -8.60 -33.49
C LEU A 244 -28.64 -10.06 -33.65
N LEU A 245 -27.92 -10.97 -32.99
CA LEU A 245 -28.23 -12.39 -33.08
C LEU A 245 -29.60 -12.70 -32.51
N ALA A 246 -30.01 -11.97 -31.47
CA ALA A 246 -31.32 -12.22 -30.86
C ALA A 246 -32.44 -11.87 -31.82
N TYR A 247 -32.28 -10.82 -32.61
CA TYR A 247 -33.30 -10.37 -33.55
C TYR A 247 -33.15 -10.99 -34.94
N ALA A 248 -32.05 -11.70 -35.20
CA ALA A 248 -31.82 -12.25 -36.53
C ALA A 248 -32.94 -13.17 -36.97
N LYS A 249 -33.61 -13.85 -36.04
CA LYS A 249 -34.71 -14.72 -36.41
C LYS A 249 -35.93 -13.91 -36.84
N ALA A 250 -36.32 -12.91 -36.05
CA ALA A 250 -37.47 -12.10 -36.39
C ALA A 250 -37.19 -11.22 -37.59
N GLY A 251 -35.93 -10.85 -37.82
CA GLY A 251 -35.59 -10.02 -38.96
C GLY A 251 -35.82 -10.72 -40.29
N ALA A 252 -35.70 -12.04 -40.30
CA ALA A 252 -35.95 -12.79 -41.53
C ALA A 252 -37.43 -12.78 -41.89
N VAL A 253 -38.30 -12.93 -40.88
CA VAL A 253 -39.74 -12.88 -41.12
C VAL A 253 -40.15 -11.49 -41.57
N ALA A 254 -39.50 -10.45 -41.03
CA ALA A 254 -39.84 -9.09 -41.41
C ALA A 254 -39.46 -8.80 -42.85
N GLU A 255 -38.25 -9.19 -43.26
CA GLU A 255 -37.80 -8.88 -44.62
C GLU A 255 -38.49 -9.75 -45.65
N GLU A 256 -38.94 -10.95 -45.25
CA GLU A 256 -39.66 -11.80 -46.18
C GLU A 256 -41.08 -11.30 -46.43
N VAL A 257 -41.78 -10.90 -45.36
CA VAL A 257 -43.12 -10.36 -45.51
C VAL A 257 -43.09 -9.02 -46.23
N LEU A 258 -42.11 -8.17 -45.92
CA LEU A 258 -42.03 -6.85 -46.54
C LEU A 258 -41.55 -6.91 -47.99
N ALA A 259 -41.02 -8.04 -48.44
CA ALA A 259 -40.58 -8.18 -49.81
C ALA A 259 -41.63 -8.91 -50.65
N ILE A 261 -44.83 -8.44 -50.29
CA ILE A 261 -45.80 -7.70 -49.49
C ILE A 261 -47.13 -7.62 -50.24
N ARG A 262 -47.05 -7.50 -51.56
CA ARG A 262 -48.27 -7.50 -52.37
C ARG A 262 -49.00 -8.83 -52.28
N THR A 263 -48.24 -9.93 -52.23
CA THR A 263 -48.85 -11.24 -52.03
C THR A 263 -49.59 -11.29 -50.69
N VAL A 264 -48.99 -10.72 -49.65
CA VAL A 264 -49.62 -10.72 -48.33
C VAL A 264 -50.90 -9.90 -48.36
N ILE A 265 -50.84 -8.72 -48.99
CA ILE A 265 -52.01 -7.84 -49.03
C ILE A 265 -53.13 -8.49 -49.84
N ALA A 266 -52.77 -9.18 -50.92
CA ALA A 266 -53.79 -9.81 -51.77
C ALA A 266 -54.42 -11.00 -51.06
N PHE A 267 -53.61 -11.91 -50.55
CA PHE A 267 -54.14 -13.11 -49.91
C PHE A 267 -54.73 -12.83 -48.53
N GLY A 268 -54.52 -11.65 -47.98
CA GLY A 268 -55.16 -11.30 -46.72
C GLY A 268 -54.59 -12.00 -45.51
N GLY A 269 -53.31 -12.36 -45.53
CA GLY A 269 -52.68 -13.04 -44.41
C GLY A 269 -51.92 -12.08 -43.51
N GLN A 270 -52.46 -10.87 -43.35
CA GLN A 270 -51.79 -9.88 -42.49
C GLN A 270 -51.75 -10.34 -41.04
N LYS A 271 -52.86 -10.86 -40.52
CA LYS A 271 -52.87 -11.37 -39.15
C LYS A 271 -51.92 -12.54 -39.00
N LYS A 272 -51.91 -13.46 -39.96
CA LYS A 272 -51.03 -14.62 -39.89
C LYS A 272 -49.57 -14.19 -39.82
N GLU A 273 -49.16 -13.28 -40.71
CA GLU A 273 -47.78 -12.82 -40.69
C GLU A 273 -47.47 -12.01 -39.44
N LEU A 274 -48.47 -11.29 -38.91
CA LEU A 274 -48.25 -10.53 -37.68
C LEU A 274 -47.97 -11.47 -36.51
N GLU A 275 -48.73 -12.56 -36.40
CA GLU A 275 -48.44 -13.52 -35.33
C GLU A 275 -47.14 -14.27 -35.58
N ARG A 276 -46.80 -14.55 -36.83
CA ARG A 276 -45.52 -15.16 -37.13
C ARG A 276 -44.37 -14.26 -36.70
N TYR A 277 -44.54 -12.95 -36.85
CA TYR A 277 -43.53 -12.00 -36.38
C TYR A 277 -43.53 -11.92 -34.87
N ASN A 278 -44.71 -11.94 -34.25
CA ASN A 278 -44.82 -11.78 -32.81
C ASN A 278 -44.21 -12.96 -32.07
N LYS A 279 -44.27 -14.16 -32.64
CA LYS A 279 -43.65 -15.31 -31.99
C LYS A 279 -42.14 -15.13 -31.89
N ASN A 280 -41.49 -14.79 -33.01
CA ASN A 280 -40.05 -14.54 -32.97
C ASN A 280 -39.72 -13.31 -32.13
N LEU A 281 -40.66 -12.34 -32.04
CA LEU A 281 -40.44 -11.21 -31.15
C LEU A 281 -40.43 -11.65 -29.69
N GLU A 282 -41.36 -12.53 -29.30
CA GLU A 282 -41.31 -13.13 -27.98
C GLU A 282 -39.98 -13.82 -27.73
N GLU A 283 -39.51 -14.59 -28.72
CA GLU A 283 -38.23 -15.30 -28.55
C GLU A 283 -37.07 -14.32 -28.36
N ALA A 284 -37.04 -13.26 -29.17
CA ALA A 284 -35.97 -12.27 -29.05
C ALA A 284 -36.04 -11.55 -27.72
N LYS A 285 -37.25 -11.24 -27.24
CA LYS A 285 -37.39 -10.60 -25.95
C LYS A 285 -36.92 -11.50 -24.82
N ARG A 286 -37.23 -12.80 -24.90
CA ARG A 286 -36.76 -13.73 -23.89
C ARG A 286 -35.25 -13.81 -23.89
N ILE A 287 -34.63 -13.89 -25.07
CA ILE A 287 -33.17 -13.94 -25.14
C ILE A 287 -32.56 -12.66 -24.59
N GLY A 288 -33.15 -11.50 -24.90
CA GLY A 288 -32.64 -10.25 -24.38
C GLY A 288 -32.76 -10.13 -22.88
N ILE A 289 -33.85 -10.64 -22.31
CA ILE A 289 -33.99 -10.61 -20.85
C ILE A 289 -32.97 -11.55 -20.21
N LYS A 290 -32.76 -12.72 -20.80
CA LYS A 290 -31.73 -13.62 -20.28
C LYS A 290 -30.35 -12.97 -20.32
N LYS A 291 -30.05 -12.22 -21.38
CA LYS A 291 -28.76 -11.55 -21.47
C LYS A 291 -28.66 -10.42 -20.45
N ALA A 292 -29.76 -9.67 -20.25
CA ALA A 292 -29.76 -8.60 -19.27
C ALA A 292 -29.54 -9.16 -17.86
N ILE A 293 -29.98 -10.39 -17.63
CA ILE A 293 -29.68 -11.04 -16.35
C ILE A 293 -28.22 -11.43 -16.29
N THR A 294 -27.74 -12.15 -17.30
CA THR A 294 -26.43 -12.79 -17.22
C THR A 294 -25.29 -11.77 -17.23
N ALA A 295 -25.29 -10.85 -18.20
CA ALA A 295 -24.21 -9.87 -18.28
C ALA A 295 -24.16 -9.02 -17.01
N ASN A 296 -25.32 -8.61 -16.50
CA ASN A 296 -25.33 -7.75 -15.33
C ASN A 296 -24.87 -8.51 -14.08
N ILE A 297 -25.27 -9.78 -13.93
CA ILE A 297 -24.83 -10.50 -12.76
C ILE A 297 -23.33 -10.78 -12.84
N SER A 298 -22.79 -10.98 -14.04
CA SER A 298 -21.36 -11.19 -14.19
C SER A 298 -20.58 -9.92 -13.84
N ILE A 299 -21.01 -8.77 -14.36
CA ILE A 299 -20.27 -7.53 -14.06
C ILE A 299 -20.44 -7.14 -12.59
N GLY A 300 -21.61 -7.42 -12.00
CA GLY A 300 -21.77 -7.19 -10.57
C GLY A 300 -20.89 -8.09 -9.74
N ALA A 301 -20.72 -9.34 -10.17
CA ALA A 301 -19.78 -10.22 -9.49
C ALA A 301 -18.35 -9.70 -9.61
N ALA A 302 -18.02 -9.10 -10.76
CA ALA A 302 -16.69 -8.51 -10.92
C ALA A 302 -16.49 -7.34 -9.95
N PHE A 303 -17.49 -6.47 -9.83
CA PHE A 303 -17.40 -5.35 -8.89
C PHE A 303 -17.27 -5.86 -7.45
N LEU A 304 -18.08 -6.85 -7.09
CA LEU A 304 -18.01 -7.42 -5.75
C LEU A 304 -16.64 -8.05 -5.50
N LEU A 305 -16.06 -8.68 -6.52
CA LEU A 305 -14.74 -9.26 -6.37
C LEU A 305 -13.68 -8.19 -6.17
N ILE A 306 -13.79 -7.08 -6.89
CA ILE A 306 -12.85 -5.98 -6.71
C ILE A 306 -12.91 -5.45 -5.28
N TYR A 307 -14.12 -5.21 -4.78
CA TYR A 307 -14.24 -4.66 -3.43
C TYR A 307 -13.85 -5.67 -2.36
N ALA A 308 -14.13 -6.95 -2.58
CA ALA A 308 -13.70 -7.97 -1.63
C ALA A 308 -12.18 -8.13 -1.64
N SER A 309 -11.55 -7.96 -2.80
CA SER A 309 -10.10 -7.93 -2.85
C SER A 309 -9.57 -6.75 -2.05
N TYR A 310 -10.19 -5.58 -2.20
CA TYR A 310 -9.85 -4.45 -1.35
C TYR A 310 -9.92 -4.82 0.12
N ALA A 311 -11.05 -5.42 0.54
CA ALA A 311 -11.26 -5.76 1.94
C ALA A 311 -10.18 -6.70 2.44
N LEU A 312 -9.95 -7.81 1.73
CA LEU A 312 -8.98 -8.80 2.16
C LEU A 312 -7.57 -8.22 2.19
N ALA A 313 -7.15 -7.58 1.10
CA ALA A 313 -5.80 -7.06 1.02
C ALA A 313 -5.54 -5.99 2.07
N PHE A 314 -6.52 -5.13 2.33
CA PHE A 314 -6.33 -4.11 3.35
C PHE A 314 -6.38 -4.69 4.75
N TRP A 315 -7.18 -5.73 5.00
CA TRP A 315 -7.14 -6.38 6.29
C TRP A 315 -5.75 -6.95 6.56
N TYR A 316 -5.21 -7.69 5.58
CA TYR A 316 -3.89 -8.29 5.78
C TYR A 316 -2.79 -7.23 5.85
N GLY A 317 -2.92 -6.17 5.04
CA GLY A 317 -1.92 -5.11 5.08
C GLY A 317 -1.92 -4.33 6.37
N THR A 318 -3.11 -4.05 6.91
CA THR A 318 -3.18 -3.42 8.22
C THR A 318 -2.64 -4.32 9.30
N THR A 319 -2.86 -5.64 9.19
CA THR A 319 -2.22 -6.56 10.12
C THR A 319 -0.71 -6.42 10.06
N LEU A 320 -0.15 -6.41 8.86
CA LEU A 320 1.30 -6.30 8.70
C LEU A 320 1.83 -4.95 9.20
N VAL A 321 1.06 -3.88 9.01
CA VAL A 321 1.51 -2.56 9.45
C VAL A 321 1.45 -2.46 10.97
N LEU A 322 0.38 -2.95 11.58
CA LEU A 322 0.28 -2.94 13.04
C LEU A 322 1.33 -3.84 13.67
N SER A 323 1.73 -4.90 12.97
CA SER A 323 2.84 -5.72 13.45
C SER A 323 4.19 -5.04 13.25
N GLY A 324 4.25 -3.95 12.50
CA GLY A 324 5.48 -3.21 12.31
C GLY A 324 6.32 -3.67 11.14
N GLU A 325 5.87 -4.67 10.38
CA GLU A 325 6.67 -5.19 9.27
C GLU A 325 6.54 -4.34 8.02
N TYR A 326 5.34 -3.85 7.74
CA TYR A 326 5.07 -3.05 6.55
C TYR A 326 4.73 -1.61 6.95
N SER A 327 4.79 -0.74 5.96
CA SER A 327 4.28 0.62 6.06
C SER A 327 3.02 0.74 5.21
N ILE A 328 2.22 1.77 5.50
CA ILE A 328 0.98 1.95 4.76
C ILE A 328 1.26 2.29 3.30
N GLY A 329 2.34 3.03 3.03
CA GLY A 329 2.68 3.32 1.65
C GLY A 329 3.15 2.08 0.90
N GLN A 330 3.91 1.22 1.57
CA GLN A 330 4.30 -0.06 0.98
C GLN A 330 3.09 -0.92 0.68
N VAL A 331 2.12 -0.95 1.61
CA VAL A 331 0.90 -1.71 1.38
C VAL A 331 0.15 -1.17 0.17
N LEU A 332 0.03 0.16 0.09
CA LEU A 332 -0.64 0.78 -1.05
C LEU A 332 0.05 0.41 -2.36
N THR A 333 1.38 0.56 -2.41
CA THR A 333 2.13 0.23 -3.62
C THR A 333 1.89 -1.20 -4.04
N VAL A 334 2.11 -2.15 -3.13
CA VAL A 334 1.97 -3.56 -3.47
C VAL A 334 0.55 -3.86 -3.95
N PHE A 335 -0.44 -3.42 -3.17
CA PHE A 335 -1.84 -3.72 -3.51
C PHE A 335 -2.21 -3.16 -4.87
N PHE A 336 -1.99 -1.86 -5.08
CA PHE A 336 -2.42 -1.26 -6.33
C PHE A 336 -1.68 -1.86 -7.52
N SER A 337 -0.35 -2.04 -7.40
CA SER A 337 0.41 -2.61 -8.51
C SER A 337 -0.11 -3.99 -8.87
N VAL A 338 -0.20 -4.89 -7.89
CA VAL A 338 -0.58 -6.27 -8.20
C VAL A 338 -2.01 -6.33 -8.70
N LEU A 339 -2.91 -5.53 -8.12
CA LEU A 339 -4.31 -5.58 -8.52
C LEU A 339 -4.50 -5.05 -9.94
N ILE A 340 -3.86 -3.93 -10.27
CA ILE A 340 -3.98 -3.39 -11.62
C ILE A 340 -3.34 -4.32 -12.63
N GLY A 341 -2.23 -4.96 -12.28
CA GLY A 341 -1.63 -5.92 -13.20
C GLY A 341 -2.51 -7.12 -13.44
N ALA A 342 -3.12 -7.65 -12.37
CA ALA A 342 -4.01 -8.80 -12.52
C ALA A 342 -5.26 -8.43 -13.32
N PHE A 343 -5.74 -7.20 -13.17
CA PHE A 343 -6.88 -6.78 -13.98
C PHE A 343 -6.50 -6.61 -15.44
N SER A 344 -5.31 -6.06 -15.71
CA SER A 344 -4.90 -5.84 -17.09
C SER A 344 -4.64 -7.15 -17.82
N VAL A 345 -4.05 -8.13 -17.14
CA VAL A 345 -3.72 -9.40 -17.80
C VAL A 345 -4.99 -10.12 -18.25
N GLY A 346 -6.13 -9.82 -17.63
CA GLY A 346 -7.38 -10.39 -18.07
C GLY A 346 -8.08 -9.46 -19.05
N GLN A 347 -7.82 -8.16 -18.91
CA GLN A 347 -8.37 -7.19 -19.85
C GLN A 347 -7.85 -7.42 -21.26
N ALA A 348 -6.62 -7.91 -21.39
CA ALA A 348 -6.04 -8.19 -22.70
C ALA A 348 -6.40 -9.58 -23.23
N SER A 349 -7.61 -10.06 -22.96
CA SER A 349 -8.01 -11.36 -23.49
C SER A 349 -8.76 -11.26 -24.82
N PRO A 350 -9.57 -10.22 -25.08
CA PRO A 350 -10.17 -10.11 -26.41
C PRO A 350 -9.17 -9.85 -27.52
N SER A 351 -7.94 -9.45 -27.20
CA SER A 351 -6.95 -9.25 -28.25
C SER A 351 -6.60 -10.57 -28.94
N ILE A 352 -6.51 -11.65 -28.17
CA ILE A 352 -6.23 -12.97 -28.75
C ILE A 352 -7.38 -13.41 -29.65
N GLU A 353 -8.61 -13.17 -29.21
CA GLU A 353 -9.77 -13.52 -30.03
C GLU A 353 -9.79 -12.71 -31.32
N ALA A 354 -9.45 -11.41 -31.22
CA ALA A 354 -9.40 -10.58 -32.41
C ALA A 354 -8.33 -11.05 -33.38
N PHE A 355 -7.18 -11.46 -32.84
CA PHE A 355 -6.11 -11.98 -33.70
C PHE A 355 -6.55 -13.27 -34.39
N ALA A 356 -7.20 -14.18 -33.66
CA ALA A 356 -7.66 -15.42 -34.25
C ALA A 356 -8.72 -15.17 -35.31
N ASN A 357 -9.63 -14.23 -35.05
CA ASN A 357 -10.64 -13.88 -36.04
C ASN A 357 -10.00 -13.26 -37.27
N ALA A 358 -8.94 -12.48 -37.08
CA ALA A 358 -8.21 -11.91 -38.21
C ALA A 358 -7.59 -13.01 -39.06
N ARG A 359 -6.99 -14.02 -38.41
CA ARG A 359 -6.43 -15.15 -39.15
C ARG A 359 -7.51 -15.87 -39.94
N GLY A 360 -8.64 -16.15 -39.29
CA GLY A 360 -9.74 -16.82 -39.97
C GLY A 360 -10.26 -16.04 -41.16
N ALA A 361 -10.41 -14.73 -41.00
CA ALA A 361 -10.93 -13.90 -42.08
C ALA A 361 -9.92 -13.74 -43.21
N ALA A 362 -8.63 -13.71 -42.86
CA ALA A 362 -7.60 -13.55 -43.88
C ALA A 362 -7.34 -14.82 -44.66
N TYR A 363 -7.70 -15.98 -44.10
CA TYR A 363 -7.50 -17.24 -44.81
C TYR A 363 -8.16 -17.23 -46.19
N GLU A 364 -9.48 -16.97 -46.22
CA GLU A 364 -10.20 -17.01 -47.49
C GLU A 364 -9.71 -15.95 -48.46
N ILE A 365 -9.44 -14.73 -47.95
CA ILE A 365 -8.98 -13.65 -48.81
C ILE A 365 -7.64 -14.01 -49.44
N PHE A 366 -6.72 -14.56 -48.65
CA PHE A 366 -5.42 -14.92 -49.20
C PHE A 366 -5.53 -16.08 -50.18
N LYS A 367 -6.41 -17.04 -49.91
CA LYS A 367 -6.64 -18.11 -50.86
C LYS A 367 -7.16 -17.57 -52.19
N ILE A 368 -8.10 -16.63 -52.12
CA ILE A 368 -8.66 -16.04 -53.33
C ILE A 368 -7.58 -15.29 -54.11
N ILE A 369 -6.80 -14.46 -53.42
CA ILE A 369 -5.80 -13.66 -54.11
C ILE A 369 -4.56 -14.47 -54.51
N ASP A 370 -4.44 -15.70 -54.02
CA ASP A 370 -3.39 -16.60 -54.49
C ASP A 370 -3.91 -17.60 -55.53
N ASN A 371 -5.21 -17.64 -55.76
CA ASN A 371 -5.74 -18.45 -56.86
C ASN A 371 -5.16 -18.00 -58.19
N LYS A 372 -4.57 -18.95 -58.91
CA LYS A 372 -4.01 -18.69 -60.24
C LYS A 372 -4.94 -19.31 -61.29
N PRO A 373 -5.82 -18.54 -61.91
CA PRO A 373 -6.79 -19.13 -62.85
C PRO A 373 -6.11 -19.60 -64.13
N SER A 374 -6.86 -20.39 -64.90
CA SER A 374 -6.37 -20.87 -66.18
C SER A 374 -6.23 -19.74 -67.18
N ILE A 375 -7.35 -19.10 -67.53
CA ILE A 375 -7.29 -17.92 -68.37
C ILE A 375 -6.70 -16.76 -67.58
N ASP A 376 -6.06 -15.83 -68.29
CA ASP A 376 -5.36 -14.70 -67.68
C ASP A 376 -5.71 -13.45 -68.46
N SER A 377 -6.73 -12.73 -67.99
CA SER A 377 -7.17 -11.50 -68.65
C SER A 377 -6.36 -10.31 -68.16
N TRP A 698 -41.55 13.93 -22.66
CA TRP A 698 -42.79 13.40 -22.12
C TRP A 698 -43.52 12.57 -23.15
N ARG A 699 -43.47 12.99 -24.40
CA ARG A 699 -44.13 12.25 -25.46
C ARG A 699 -43.45 10.91 -25.72
N ILE A 700 -42.15 10.83 -25.49
CA ILE A 700 -41.44 9.56 -25.66
C ILE A 700 -41.56 8.71 -24.41
N MET A 701 -41.41 9.32 -23.23
CA MET A 701 -41.47 8.57 -21.98
C MET A 701 -42.82 7.89 -21.81
N LYS A 702 -43.88 8.48 -22.35
CA LYS A 702 -45.20 7.85 -22.26
C LYS A 702 -45.20 6.48 -22.91
N LEU A 703 -44.40 6.30 -23.96
CA LEU A 703 -44.28 4.99 -24.61
C LEU A 703 -43.89 3.92 -23.61
N ASN A 704 -43.08 4.27 -22.62
CA ASN A 704 -42.67 3.34 -21.58
C ASN A 704 -43.34 3.62 -20.25
N LEU A 705 -44.52 4.25 -20.25
CA LEU A 705 -45.15 4.62 -19.00
C LEU A 705 -45.65 3.41 -18.22
N THR A 706 -45.96 2.32 -18.91
CA THR A 706 -46.43 1.12 -18.23
C THR A 706 -45.32 0.36 -17.51
N GLU A 707 -44.07 0.81 -17.60
CA GLU A 707 -42.96 0.17 -16.92
C GLU A 707 -42.42 1.02 -15.77
N TRP A 708 -43.28 1.83 -15.15
CA TRP A 708 -42.86 2.60 -13.99
C TRP A 708 -42.47 1.75 -12.78
N PRO A 709 -43.04 0.55 -12.53
CA PRO A 709 -42.47 -0.27 -11.45
C PRO A 709 -41.03 -0.67 -11.70
N TYR A 710 -40.65 -0.87 -12.95
CA TYR A 710 -39.25 -1.15 -13.26
C TYR A 710 -38.41 0.11 -13.14
N PHE A 711 -38.93 1.24 -13.60
CA PHE A 711 -38.16 2.48 -13.57
C PHE A 711 -37.90 2.96 -12.15
N VAL A 712 -38.84 2.76 -11.23
CA VAL A 712 -38.64 3.20 -9.86
C VAL A 712 -37.47 2.45 -9.23
N VAL A 713 -37.49 1.11 -9.33
CA VAL A 713 -36.41 0.31 -8.79
C VAL A 713 -35.10 0.62 -9.49
N GLY A 714 -35.16 0.86 -10.81
CA GLY A 714 -33.95 1.20 -11.54
C GLY A 714 -33.33 2.51 -11.07
N VAL A 715 -34.17 3.53 -10.85
CA VAL A 715 -33.66 4.82 -10.40
C VAL A 715 -33.09 4.71 -8.98
N PHE A 716 -33.77 3.96 -8.11
CA PHE A 716 -33.25 3.78 -6.76
C PHE A 716 -31.90 3.08 -6.78
N CYS A 717 -31.80 2.00 -7.55
CA CYS A 717 -30.54 1.27 -7.64
C CYS A 717 -29.45 2.09 -8.32
N ALA A 718 -29.82 2.96 -9.27
CA ALA A 718 -28.83 3.82 -9.90
C ALA A 718 -28.31 4.87 -8.94
N ILE A 719 -29.20 5.42 -8.10
CA ILE A 719 -28.76 6.34 -7.05
C ILE A 719 -27.77 5.64 -6.12
N ILE A 720 -28.10 4.42 -5.69
CA ILE A 720 -27.24 3.70 -4.77
C ILE A 720 -25.91 3.36 -5.44
N ASN A 721 -25.95 3.01 -6.72
CA ASN A 721 -24.73 2.64 -7.44
C ASN A 721 -23.82 3.84 -7.65
N GLY A 722 -24.40 5.00 -7.96
CA GLY A 722 -23.61 6.20 -8.08
C GLY A 722 -23.01 6.63 -6.76
N GLY A 723 -23.78 6.50 -5.68
CA GLY A 723 -23.27 6.83 -4.36
C GLY A 723 -22.22 5.88 -3.83
N LEU A 724 -21.88 4.83 -4.58
CA LEU A 724 -20.88 3.87 -4.10
C LEU A 724 -19.48 4.42 -4.21
N GLN A 725 -19.23 5.36 -5.12
CA GLN A 725 -17.90 5.92 -5.30
C GLN A 725 -17.56 6.91 -4.20
N PRO A 726 -18.44 7.83 -3.80
CA PRO A 726 -18.13 8.67 -2.63
C PRO A 726 -18.02 7.87 -1.35
N ALA A 727 -18.83 6.83 -1.18
CA ALA A 727 -18.70 5.98 0.00
C ALA A 727 -17.34 5.29 0.02
N PHE A 728 -16.89 4.81 -1.14
CA PHE A 728 -15.56 4.21 -1.20
C PHE A 728 -14.48 5.24 -0.90
N ALA A 729 -14.65 6.47 -1.40
CA ALA A 729 -13.68 7.52 -1.10
C ALA A 729 -13.60 7.76 0.39
N ILE A 730 -14.76 7.85 1.06
CA ILE A 730 -14.79 8.10 2.50
C ILE A 730 -14.12 6.96 3.25
N ILE A 731 -14.48 5.72 2.93
CA ILE A 731 -13.96 4.57 3.67
C ILE A 731 -12.46 4.41 3.42
N PHE A 732 -12.01 4.63 2.18
CA PHE A 732 -10.60 4.51 1.85
C PHE A 732 -9.77 5.59 2.55
N SER A 733 -10.24 6.84 2.47
CA SER A 733 -9.55 7.92 3.17
C SER A 733 -9.50 7.66 4.67
N LYS A 734 -10.58 7.13 5.25
CA LYS A 734 -10.58 6.89 6.69
C LYS A 734 -9.63 5.76 7.06
N ILE A 735 -9.62 4.67 6.28
CA ILE A 735 -8.73 3.56 6.60
C ILE A 735 -7.28 3.92 6.39
N ILE A 736 -6.97 4.91 5.55
CA ILE A 736 -5.58 5.33 5.42
C ILE A 736 -5.25 6.37 6.48
N GLY A 737 -6.21 7.22 6.84
CA GLY A 737 -5.97 8.21 7.87
C GLY A 737 -5.87 7.60 9.25
N VAL A 738 -6.34 6.36 9.42
CA VAL A 738 -6.09 5.63 10.65
C VAL A 738 -4.58 5.49 10.88
N PHE A 739 -3.81 5.38 9.80
CA PHE A 739 -2.38 5.17 9.89
C PHE A 739 -1.56 6.43 9.67
N THR A 740 -2.19 7.56 9.38
CA THR A 740 -1.51 8.85 9.37
C THR A 740 -1.60 9.55 10.72
N ARG A 741 -2.23 8.93 11.71
CA ARG A 741 -2.30 9.45 13.07
C ARG A 741 -1.80 8.38 14.03
N ILE A 742 -1.44 8.80 15.23
CA ILE A 742 -1.03 7.87 16.27
C ILE A 742 -2.24 7.59 17.16
N ASP A 743 -2.33 6.36 17.64
CA ASP A 743 -3.44 5.94 18.48
C ASP A 743 -3.06 4.63 19.16
N ASP A 744 -3.97 4.12 19.97
CA ASP A 744 -3.75 2.85 20.64
C ASP A 744 -3.72 1.72 19.62
N PRO A 745 -2.88 0.71 19.84
CA PRO A 745 -2.87 -0.43 18.90
C PRO A 745 -4.21 -1.13 18.78
N GLU A 746 -4.92 -1.33 19.90
CA GLU A 746 -6.21 -2.00 19.84
C GLU A 746 -7.23 -1.15 19.09
N THR A 747 -7.22 0.16 19.33
CA THR A 747 -8.12 1.06 18.60
C THR A 747 -7.83 1.03 17.11
N LYS A 748 -6.55 1.06 16.74
CA LYS A 748 -6.19 1.02 15.32
C LYS A 748 -6.62 -0.29 14.69
N ARG A 749 -6.44 -1.41 15.40
CA ARG A 749 -6.86 -2.70 14.86
C ARG A 749 -8.36 -2.77 14.69
N GLN A 750 -9.11 -2.28 15.67
CA GLN A 750 -10.57 -2.30 15.57
C GLN A 750 -11.04 -1.43 14.40
N ASN A 751 -10.43 -0.26 14.23
CA ASN A 751 -10.82 0.62 13.12
C ASN A 751 -10.51 -0.02 11.77
N SER A 752 -9.33 -0.64 11.64
CA SER A 752 -8.99 -1.30 10.39
C SER A 752 -9.92 -2.46 10.10
N ASN A 753 -10.28 -3.24 11.11
CA ASN A 753 -11.22 -4.34 10.90
C ASN A 753 -12.58 -3.81 10.47
N LEU A 754 -13.06 -2.74 11.11
CA LEU A 754 -14.33 -2.15 10.73
C LEU A 754 -14.32 -1.65 9.30
N PHE A 755 -13.22 -1.02 8.88
CA PHE A 755 -13.17 -0.49 7.52
C PHE A 755 -13.02 -1.60 6.48
N SER A 756 -12.36 -2.71 6.83
CA SER A 756 -12.35 -3.86 5.93
C SER A 756 -13.74 -4.45 5.77
N LEU A 757 -14.47 -4.58 6.88
CA LEU A 757 -15.85 -5.05 6.79
C LEU A 757 -16.70 -4.08 5.97
N LEU A 758 -16.40 -2.79 6.06
CA LEU A 758 -17.14 -1.81 5.27
C LEU A 758 -16.82 -1.95 3.79
N PHE A 759 -15.56 -2.26 3.45
CA PHE A 759 -15.23 -2.57 2.06
C PHE A 759 -16.03 -3.76 1.55
N LEU A 760 -16.13 -4.81 2.37
CA LEU A 760 -16.90 -5.99 1.96
C LEU A 760 -18.38 -5.64 1.78
N ALA A 761 -18.93 -4.82 2.67
CA ALA A 761 -20.32 -4.40 2.55
C ALA A 761 -20.52 -3.55 1.29
N LEU A 762 -19.56 -2.69 0.98
CA LEU A 762 -19.60 -1.94 -0.27
C LEU A 762 -19.66 -2.89 -1.46
N GLY A 763 -18.87 -3.96 -1.42
CA GLY A 763 -18.88 -4.91 -2.52
C GLY A 763 -20.22 -5.61 -2.66
N ILE A 764 -20.80 -6.04 -1.54
CA ILE A 764 -22.09 -6.73 -1.60
C ILE A 764 -23.17 -5.79 -2.13
N ILE A 765 -23.20 -4.55 -1.63
CA ILE A 765 -24.20 -3.58 -2.09
C ILE A 765 -23.98 -3.28 -3.57
N SER A 766 -22.73 -3.19 -4.00
CA SER A 766 -22.43 -2.94 -5.40
C SER A 766 -22.98 -4.05 -6.28
N PHE A 767 -22.67 -5.31 -5.92
CA PHE A 767 -23.22 -6.44 -6.66
C PHE A 767 -24.74 -6.35 -6.75
N ILE A 768 -25.40 -6.22 -5.61
CA ILE A 768 -26.87 -6.26 -5.59
C ILE A 768 -27.45 -5.14 -6.43
N THR A 769 -27.02 -3.90 -6.18
CA THR A 769 -27.64 -2.76 -6.85
C THR A 769 -27.27 -2.71 -8.32
N PHE A 770 -26.04 -3.07 -8.69
CA PHE A 770 -25.68 -3.11 -10.10
C PHE A 770 -26.55 -4.13 -10.84
N PHE A 771 -26.67 -5.34 -10.30
CA PHE A 771 -27.50 -6.34 -10.96
C PHE A 771 -28.94 -5.87 -11.06
N LEU A 772 -29.47 -5.27 -9.98
CA LEU A 772 -30.87 -4.86 -9.99
C LEU A 772 -31.12 -3.74 -10.98
N GLN A 773 -30.27 -2.72 -10.99
CA GLN A 773 -30.42 -1.64 -11.95
C GLN A 773 -30.34 -2.15 -13.38
N GLY A 774 -29.30 -2.95 -13.68
CA GLY A 774 -29.16 -3.50 -15.01
C GLY A 774 -30.37 -4.31 -15.43
N PHE A 775 -30.82 -5.22 -14.57
CA PHE A 775 -31.94 -6.08 -14.91
C PHE A 775 -33.22 -5.29 -15.11
N THR A 776 -33.51 -4.36 -14.20
CA THR A 776 -34.75 -3.59 -14.31
C THR A 776 -34.77 -2.75 -15.59
N PHE A 777 -33.69 -2.01 -15.85
CA PHE A 777 -33.66 -1.18 -17.04
C PHE A 777 -33.64 -2.01 -18.31
N GLY A 778 -32.95 -3.15 -18.30
CA GLY A 778 -32.93 -4.00 -19.47
C GLY A 778 -34.27 -4.65 -19.75
N LYS A 779 -34.99 -5.05 -18.70
CA LYS A 779 -36.31 -5.63 -18.88
C LYS A 779 -37.30 -4.59 -19.39
N ALA A 780 -37.25 -3.37 -18.84
CA ALA A 780 -38.09 -2.30 -19.35
C ALA A 780 -37.77 -2.00 -20.81
N GLY A 781 -36.48 -1.99 -21.15
CA GLY A 781 -36.10 -1.73 -22.53
C GLY A 781 -36.55 -2.83 -23.48
N GLU A 782 -36.45 -4.09 -23.04
CA GLU A 782 -36.89 -5.20 -23.89
C GLU A 782 -38.40 -5.18 -24.08
N ILE A 783 -39.16 -4.89 -23.01
CA ILE A 783 -40.60 -4.78 -23.15
C ILE A 783 -40.97 -3.67 -24.12
N LEU A 784 -40.33 -2.51 -23.96
CA LEU A 784 -40.61 -1.38 -24.85
C LEU A 784 -40.23 -1.71 -26.29
N THR A 785 -39.10 -2.40 -26.49
CA THR A 785 -38.65 -2.74 -27.83
C THR A 785 -39.61 -3.71 -28.50
N LYS A 786 -40.04 -4.76 -27.77
CA LYS A 786 -41.00 -5.70 -28.34
C LYS A 786 -42.31 -5.00 -28.67
N ARG A 787 -42.81 -4.17 -27.76
CA ARG A 787 -44.07 -3.48 -28.02
C ARG A 787 -43.95 -2.56 -29.23
N LEU A 788 -42.86 -1.79 -29.32
CA LEU A 788 -42.70 -0.88 -30.44
C LEU A 788 -42.57 -1.63 -31.75
N ARG A 789 -41.79 -2.71 -31.77
CA ARG A 789 -41.68 -3.51 -32.99
C ARG A 789 -43.03 -4.07 -33.40
N TYR A 790 -43.82 -4.54 -32.44
CA TYR A 790 -45.12 -5.10 -32.76
C TYR A 790 -46.06 -4.05 -33.35
N MET A 791 -46.16 -2.89 -32.71
CA MET A 791 -47.05 -1.85 -33.22
C MET A 791 -46.56 -1.31 -34.56
N VAL A 792 -45.24 -1.21 -34.76
CA VAL A 792 -44.73 -0.72 -36.04
C VAL A 792 -45.05 -1.72 -37.15
N PHE A 793 -44.83 -3.01 -36.90
CA PHE A 793 -45.15 -4.02 -37.91
C PHE A 793 -46.65 -4.05 -38.19
N ARG A 794 -47.47 -3.90 -37.16
CA ARG A 794 -48.92 -3.88 -37.36
C ARG A 794 -49.35 -2.68 -38.20
N SER A 795 -48.82 -1.50 -37.89
CA SER A 795 -49.17 -0.32 -38.66
C SER A 795 -48.64 -0.40 -40.09
N MET A 796 -47.49 -1.04 -40.30
CA MET A 796 -46.98 -1.19 -41.66
C MET A 796 -47.81 -2.18 -42.45
N LEU A 797 -48.24 -3.28 -41.83
CA LEU A 797 -49.15 -4.20 -42.50
C LEU A 797 -50.49 -3.56 -42.77
N ARG A 798 -50.90 -2.59 -41.95
CA ARG A 798 -52.14 -1.88 -42.16
C ARG A 798 -52.04 -0.83 -43.26
N GLN A 799 -50.82 -0.44 -43.64
CA GLN A 799 -50.63 0.58 -44.65
C GLN A 799 -51.05 0.09 -46.03
N ASP A 800 -50.96 0.96 -47.04
CA ASP A 800 -51.41 0.65 -48.38
C ASP A 800 -50.23 0.55 -49.34
N VAL A 801 -50.51 -0.01 -50.52
CA VAL A 801 -49.47 -0.13 -51.54
C VAL A 801 -49.03 1.24 -52.02
N SER A 802 -49.91 2.24 -51.93
CA SER A 802 -49.48 3.61 -52.22
C SER A 802 -48.43 4.09 -51.23
N TRP A 803 -48.47 3.59 -50.01
CA TRP A 803 -47.43 3.89 -49.03
C TRP A 803 -46.18 3.04 -49.26
N PHE A 804 -46.36 1.79 -49.67
CA PHE A 804 -45.22 0.92 -49.92
C PHE A 804 -44.46 1.27 -51.19
N ASP A 805 -45.09 1.99 -52.12
CA ASP A 805 -44.42 2.34 -53.38
C ASP A 805 -43.53 3.56 -53.22
N ASP A 806 -43.80 4.41 -52.22
CA ASP A 806 -43.00 5.58 -51.88
C ASP A 806 -41.54 5.17 -51.73
N PRO A 807 -40.63 5.67 -52.56
CA PRO A 807 -39.23 5.21 -52.49
C PRO A 807 -38.49 5.66 -51.24
N LYS A 808 -39.13 6.40 -50.35
CA LYS A 808 -38.62 6.57 -49.00
C LYS A 808 -39.06 5.44 -48.08
N ASN A 809 -39.97 4.58 -48.54
CA ASN A 809 -40.46 3.43 -47.79
C ASN A 809 -39.94 2.12 -48.38
N THR A 810 -38.67 2.11 -48.76
CA THR A 810 -38.07 0.91 -49.32
C THR A 810 -38.10 -0.23 -48.30
N THR A 811 -38.03 -1.46 -48.81
CA THR A 811 -38.02 -2.63 -47.94
C THR A 811 -36.85 -2.58 -46.97
N GLY A 812 -35.67 -2.22 -47.46
CA GLY A 812 -34.52 -2.10 -46.59
C GLY A 812 -34.70 -1.03 -45.52
N ALA A 813 -35.28 0.11 -45.90
CA ALA A 813 -35.52 1.18 -44.94
C ALA A 813 -36.51 0.74 -43.87
N LEU A 814 -37.57 0.05 -44.27
CA LEU A 814 -38.55 -0.42 -43.29
C LEU A 814 -37.94 -1.47 -42.36
N THR A 815 -37.14 -2.39 -42.91
CA THR A 815 -36.51 -3.40 -42.08
C THR A 815 -35.52 -2.78 -41.11
N THR A 816 -34.81 -1.74 -41.53
CA THR A 816 -33.88 -1.09 -40.60
C THR A 816 -34.62 -0.23 -39.59
N ARG A 817 -35.79 0.28 -39.94
CA ARG A 817 -36.65 0.93 -38.94
C ARG A 817 -37.07 -0.07 -37.87
N LEU A 818 -37.43 -1.29 -38.30
CA LEU A 818 -37.86 -2.30 -37.34
C LEU A 818 -36.69 -2.80 -36.50
N ALA A 819 -35.51 -2.92 -37.09
CA ALA A 819 -34.37 -3.54 -36.42
C ALA A 819 -33.60 -2.57 -35.53
N ASN A 820 -33.48 -1.31 -35.94
CA ASN A 820 -32.64 -0.35 -35.26
C ASN A 820 -33.43 0.71 -34.50
N ASP A 821 -34.35 1.41 -35.19
CA ASP A 821 -35.07 2.50 -34.55
C ASP A 821 -35.87 2.02 -33.35
N ALA A 822 -36.55 0.88 -33.48
CA ALA A 822 -37.33 0.35 -32.37
C ALA A 822 -36.43 -0.04 -31.20
N ALA A 823 -35.21 -0.48 -31.50
CA ALA A 823 -34.27 -0.83 -30.45
C ALA A 823 -33.53 0.37 -29.90
N GLN A 824 -33.62 1.52 -30.56
CA GLN A 824 -32.91 2.72 -30.13
C GLN A 824 -33.77 3.67 -29.32
N VAL A 825 -35.09 3.49 -29.33
CA VAL A 825 -35.97 4.38 -28.57
C VAL A 825 -35.69 4.27 -27.08
N LYS A 826 -35.36 3.06 -26.61
CA LYS A 826 -35.03 2.88 -25.20
C LYS A 826 -33.82 3.70 -24.78
N GLY A 827 -32.96 4.07 -25.72
CA GLY A 827 -31.82 4.91 -25.40
C GLY A 827 -32.17 6.32 -24.99
N ALA A 828 -33.38 6.79 -25.33
CA ALA A 828 -33.84 8.11 -24.95
C ALA A 828 -34.66 8.09 -23.68
N ILE A 829 -34.79 6.95 -23.01
CA ILE A 829 -35.61 6.86 -21.81
C ILE A 829 -34.78 6.19 -20.71
N GLY A 830 -34.72 4.86 -20.75
CA GLY A 830 -34.09 4.14 -19.66
C GLY A 830 -32.60 4.36 -19.58
N SER A 831 -31.91 4.26 -20.72
CA SER A 831 -30.46 4.44 -20.73
C SER A 831 -30.07 5.84 -20.29
N ARG A 832 -30.71 6.85 -20.88
CA ARG A 832 -30.44 8.23 -20.50
C ARG A 832 -30.72 8.47 -19.03
N LEU A 833 -31.87 7.98 -18.54
CA LEU A 833 -32.24 8.22 -17.15
C LEU A 833 -31.25 7.56 -16.20
N ALA A 834 -30.88 6.31 -16.48
CA ALA A 834 -29.94 5.60 -15.62
C ALA A 834 -28.57 6.28 -15.62
N VAL A 835 -28.09 6.66 -16.80
CA VAL A 835 -26.77 7.28 -16.88
C VAL A 835 -26.76 8.60 -16.12
N ILE A 836 -27.78 9.44 -16.35
CA ILE A 836 -27.83 10.74 -15.68
C ILE A 836 -27.94 10.56 -14.17
N THR A 837 -28.80 9.65 -13.72
CA THR A 837 -28.99 9.44 -12.29
C THR A 837 -27.71 8.96 -11.63
N GLN A 838 -27.05 7.98 -12.24
CA GLN A 838 -25.80 7.46 -11.67
C GLN A 838 -24.74 8.53 -11.63
N ASN A 839 -24.57 9.28 -12.72
CA ASN A 839 -23.53 10.30 -12.77
C ASN A 839 -23.78 11.41 -11.76
N ILE A 840 -25.05 11.80 -11.58
CA ILE A 840 -25.38 12.79 -10.55
C ILE A 840 -25.03 12.23 -9.18
N ALA A 841 -25.67 11.11 -8.80
CA ALA A 841 -25.47 10.55 -7.47
C ALA A 841 -24.00 10.28 -7.17
N ASN A 842 -23.17 10.13 -8.21
CA ASN A 842 -21.74 9.97 -7.98
C ASN A 842 -21.06 11.34 -7.83
N LEU A 843 -20.97 12.09 -8.93
CA LEU A 843 -20.10 13.25 -8.95
C LEU A 843 -20.65 14.41 -8.12
N GLY A 844 -21.97 14.62 -8.11
CA GLY A 844 -22.51 15.70 -7.30
C GLY A 844 -22.26 15.50 -5.82
N THR A 845 -22.54 14.30 -5.32
CA THR A 845 -22.27 14.01 -3.92
C THR A 845 -20.78 14.04 -3.62
N GLY A 846 -19.95 13.56 -4.54
CA GLY A 846 -18.52 13.64 -4.34
C GLY A 846 -18.03 15.07 -4.22
N ILE A 847 -18.52 15.94 -5.10
CA ILE A 847 -18.12 17.34 -5.07
C ILE A 847 -18.64 18.02 -3.81
N ILE A 848 -19.84 17.67 -3.36
CA ILE A 848 -20.37 18.27 -2.14
C ILE A 848 -19.53 17.87 -0.93
N ILE A 849 -19.21 16.58 -0.82
CA ILE A 849 -18.38 16.13 0.30
C ILE A 849 -16.99 16.74 0.23
N SER A 850 -16.44 16.88 -0.98
CA SER A 850 -15.13 17.47 -1.13
C SER A 850 -15.14 18.96 -0.78
N PHE A 851 -16.25 19.65 -1.06
CA PHE A 851 -16.37 21.03 -0.64
C PHE A 851 -16.50 21.15 0.86
N ILE A 852 -17.16 20.17 1.49
CA ILE A 852 -17.27 20.19 2.94
C ILE A 852 -15.92 19.97 3.59
N TYR A 853 -15.12 19.05 3.05
CA TYR A 853 -13.88 18.65 3.71
C TYR A 853 -12.68 19.50 3.32
N GLY A 854 -12.50 19.80 2.04
CA GLY A 854 -11.40 20.63 1.59
C GLY A 854 -11.75 21.46 0.37
N TRP A 855 -12.25 22.67 0.61
CA TRP A 855 -12.84 23.45 -0.48
C TRP A 855 -11.78 24.02 -1.42
N GLN A 856 -10.59 24.34 -0.92
CA GLN A 856 -9.54 24.84 -1.80
C GLN A 856 -9.07 23.76 -2.77
N LEU A 857 -8.79 22.56 -2.24
CA LEU A 857 -8.40 21.46 -3.10
C LEU A 857 -9.52 21.09 -4.06
N THR A 858 -10.77 21.18 -3.61
CA THR A 858 -11.90 20.92 -4.50
C THR A 858 -11.96 21.94 -5.63
N LEU A 859 -11.76 23.22 -5.30
CA LEU A 859 -11.77 24.26 -6.33
C LEU A 859 -10.65 24.03 -7.33
N LEU A 860 -9.48 23.57 -6.87
CA LEU A 860 -8.39 23.31 -7.80
C LEU A 860 -8.73 22.13 -8.71
N LEU A 861 -9.26 21.04 -8.13
CA LEU A 861 -9.53 19.85 -8.92
C LEU A 861 -10.74 20.00 -9.84
N LEU A 862 -11.62 20.97 -9.55
CA LEU A 862 -12.75 21.21 -10.45
C LEU A 862 -12.30 21.72 -11.80
N ALA A 863 -11.10 22.31 -11.89
CA ALA A 863 -10.61 22.80 -13.18
C ALA A 863 -10.21 21.66 -14.09
N ILE A 864 -9.83 20.51 -13.54
CA ILE A 864 -9.44 19.35 -14.33
C ILE A 864 -10.49 18.26 -14.33
N VAL A 865 -11.56 18.40 -13.55
CA VAL A 865 -12.67 17.43 -13.62
C VAL A 865 -13.12 17.16 -15.05
N PRO A 866 -13.40 18.16 -15.90
CA PRO A 866 -13.83 17.83 -17.27
C PRO A 866 -12.80 17.07 -18.07
N ILE A 867 -11.52 17.39 -17.90
CA ILE A 867 -10.48 16.67 -18.64
C ILE A 867 -10.37 15.24 -18.15
N ILE A 868 -10.60 14.99 -16.87
CA ILE A 868 -10.55 13.62 -16.37
C ILE A 868 -11.74 12.82 -16.87
N ALA A 869 -12.92 13.43 -16.90
CA ALA A 869 -14.08 12.75 -17.47
C ALA A 869 -13.87 12.44 -18.95
N ILE A 870 -13.32 13.40 -19.68
CA ILE A 870 -13.03 13.17 -21.10
C ILE A 870 -11.97 12.09 -21.26
N ALA A 871 -11.00 12.02 -20.34
CA ALA A 871 -10.01 10.96 -20.40
C ALA A 871 -10.65 9.60 -20.21
N GLY A 872 -11.56 9.48 -19.25
CA GLY A 872 -12.28 8.22 -19.07
C GLY A 872 -13.06 7.83 -20.32
N VAL A 873 -13.77 8.80 -20.91
CA VAL A 873 -14.54 8.53 -22.12
C VAL A 873 -13.63 8.07 -23.25
N VAL A 874 -12.53 8.79 -23.46
CA VAL A 874 -11.62 8.48 -24.55
C VAL A 874 -10.98 7.12 -24.34
N GLU A 875 -10.66 6.76 -23.09
CA GLU A 875 -10.05 5.46 -22.84
C GLU A 875 -11.04 4.33 -23.06
N MET A 876 -12.29 4.52 -22.65
CA MET A 876 -13.29 3.48 -22.93
C MET A 876 -13.51 3.32 -24.43
N LYS A 877 -13.55 4.44 -25.17
CA LYS A 877 -13.69 4.34 -26.62
C LYS A 877 -12.47 3.71 -27.25
N MET A 878 -11.30 3.89 -26.64
CA MET A 878 -10.06 3.35 -27.19
C MET A 878 -10.00 1.85 -26.96
N LEU A 879 -10.42 1.39 -25.78
CA LEU A 879 -10.51 -0.04 -25.53
C LEU A 879 -11.60 -0.68 -26.39
N SER A 880 -12.68 0.06 -26.66
CA SER A 880 -13.75 -0.50 -27.46
C SER A 880 -13.35 -0.63 -28.93
N GLY A 881 -12.53 0.28 -29.43
CA GLY A 881 -12.15 0.28 -30.83
C GLY A 881 -13.03 1.11 -31.73
N GLN A 882 -13.89 1.96 -31.17
CA GLN A 882 -14.75 2.82 -31.97
C GLN A 882 -13.95 3.90 -32.68
N GLU A 891 -18.16 3.63 -48.31
CA GLU A 891 -19.27 4.25 -49.02
C GLU A 891 -19.05 4.22 -50.53
N GLY A 892 -18.16 5.09 -51.00
CA GLY A 892 -17.87 5.18 -52.42
C GLY A 892 -17.29 3.91 -52.99
N SER A 893 -16.13 3.49 -52.46
CA SER A 893 -15.46 2.29 -52.96
C SER A 893 -16.37 1.07 -52.86
N GLY A 894 -17.28 1.06 -51.89
CA GLY A 894 -18.24 -0.03 -51.80
C GLY A 894 -19.19 -0.07 -52.97
N LYS A 895 -19.54 1.11 -53.49
CA LYS A 895 -20.48 1.18 -54.62
C LYS A 895 -19.85 0.62 -55.89
N ILE A 896 -18.65 1.10 -56.23
CA ILE A 896 -17.95 0.57 -57.40
C ILE A 896 -17.73 -0.93 -57.26
N ALA A 897 -17.37 -1.38 -56.05
CA ALA A 897 -17.12 -2.80 -55.85
C ALA A 897 -18.38 -3.63 -56.04
N THR A 898 -19.50 -3.20 -55.46
CA THR A 898 -20.72 -3.97 -55.59
C THR A 898 -21.25 -3.94 -57.02
N GLU A 899 -21.06 -2.81 -57.72
CA GLU A 899 -21.47 -2.75 -59.12
C GLU A 899 -20.63 -3.68 -59.99
N ALA A 900 -19.32 -3.73 -59.73
CA ALA A 900 -18.45 -4.64 -60.46
C ALA A 900 -18.82 -6.10 -60.19
N ILE A 901 -19.12 -6.42 -58.94
CA ILE A 901 -19.43 -7.81 -58.59
C ILE A 901 -20.78 -8.20 -59.18
N GLU A 902 -21.74 -7.28 -59.18
CA GLU A 902 -23.06 -7.59 -59.72
C GLU A 902 -23.03 -7.74 -61.24
N ASN A 903 -22.37 -6.81 -61.93
CA ASN A 903 -22.30 -6.80 -63.38
C ASN A 903 -20.98 -7.38 -63.89
N PHE A 904 -20.48 -8.44 -63.27
CA PHE A 904 -19.17 -8.97 -63.66
C PHE A 904 -19.20 -9.55 -65.06
N ARG A 905 -20.34 -10.11 -65.49
CA ARG A 905 -20.43 -10.62 -66.85
C ARG A 905 -20.22 -9.52 -67.88
N THR A 906 -20.96 -8.41 -67.73
CA THR A 906 -20.80 -7.30 -68.66
C THR A 906 -19.40 -6.69 -68.55
N VAL A 907 -18.86 -6.62 -67.34
CA VAL A 907 -17.53 -6.05 -67.16
C VAL A 907 -16.48 -6.89 -67.88
N VAL A 908 -16.55 -8.21 -67.73
CA VAL A 908 -15.57 -9.08 -68.36
C VAL A 908 -15.81 -9.16 -69.86
N SER A 909 -17.02 -8.84 -70.31
CA SER A 909 -17.27 -8.77 -71.75
C SER A 909 -16.64 -7.51 -72.34
N LEU A 910 -16.83 -6.37 -71.68
CA LEU A 910 -16.24 -5.12 -72.17
C LEU A 910 -14.78 -4.96 -71.77
N THR A 911 -14.20 -5.92 -71.05
CA THR A 911 -12.79 -5.89 -70.65
C THR A 911 -12.44 -4.62 -69.89
N GLN A 912 -13.26 -4.27 -68.90
CA GLN A 912 -13.04 -3.09 -68.06
C GLN A 912 -12.48 -3.44 -66.69
N GLU A 913 -11.76 -4.56 -66.59
CA GLU A 913 -11.19 -4.98 -65.32
C GLU A 913 -10.19 -3.95 -64.80
N GLN A 914 -9.24 -3.55 -65.65
CA GLN A 914 -8.21 -2.61 -65.22
C GLN A 914 -8.81 -1.24 -64.92
N LYS A 915 -9.79 -0.81 -65.71
CA LYS A 915 -10.42 0.48 -65.45
C LYS A 915 -11.20 0.46 -64.15
N PHE A 916 -11.89 -0.64 -63.84
CA PHE A 916 -12.59 -0.73 -62.57
C PHE A 916 -11.62 -0.78 -61.40
N GLU A 917 -10.49 -1.47 -61.58
CA GLU A 917 -9.43 -1.41 -60.56
C GLU A 917 -8.97 0.01 -60.34
N HIS A 918 -8.81 0.78 -61.41
CA HIS A 918 -8.39 2.17 -61.29
C HIS A 918 -9.43 3.00 -60.53
N MET A 919 -10.71 2.82 -60.88
CA MET A 919 -11.76 3.57 -60.18
C MET A 919 -11.79 3.20 -58.69
N TYR A 920 -11.63 1.92 -58.37
CA TYR A 920 -11.58 1.52 -56.97
C TYR A 920 -10.40 2.15 -56.23
N ALA A 921 -9.21 2.08 -56.83
CA ALA A 921 -8.03 2.63 -56.19
C ALA A 921 -8.14 4.14 -56.00
N GLN A 922 -8.79 4.83 -56.93
CA GLN A 922 -8.97 6.27 -56.77
C GLN A 922 -10.07 6.59 -55.77
N SER A 923 -11.05 5.70 -55.60
CA SER A 923 -12.07 5.92 -54.60
C SER A 923 -11.59 5.58 -53.19
N LEU A 924 -10.48 4.84 -53.06
CA LEU A 924 -9.94 4.53 -51.75
C LEU A 924 -9.03 5.63 -51.21
N GLN A 925 -8.68 6.63 -52.02
CA GLN A 925 -7.62 7.57 -51.64
C GLN A 925 -8.05 8.47 -50.49
N VAL A 926 -9.27 9.01 -50.55
CA VAL A 926 -9.75 9.92 -49.51
C VAL A 926 -9.93 9.18 -48.19
N PRO A 927 -10.55 7.98 -48.16
CA PRO A 927 -10.57 7.23 -46.90
C PRO A 927 -9.19 6.86 -46.39
N TYR A 928 -8.24 6.55 -47.29
CA TYR A 928 -6.89 6.24 -46.86
C TYR A 928 -6.25 7.43 -46.16
N ARG A 929 -6.37 8.62 -46.75
CA ARG A 929 -5.80 9.81 -46.14
C ARG A 929 -6.50 10.14 -44.83
N ASN A 930 -7.82 9.96 -44.78
CA ASN A 930 -8.55 10.21 -43.55
C ASN A 930 -8.10 9.28 -42.44
N SER A 931 -7.85 8.01 -42.76
CA SER A 931 -7.36 7.08 -41.75
C SER A 931 -5.96 7.45 -41.30
N LEU A 932 -5.09 7.81 -42.25
CA LEU A 932 -3.72 8.18 -41.88
C LEU A 932 -3.68 9.42 -41.01
N ARG A 933 -4.65 10.32 -41.17
CA ARG A 933 -4.70 11.50 -40.32
C ARG A 933 -5.35 11.21 -38.97
N LYS A 934 -6.43 10.44 -38.98
CA LYS A 934 -7.10 10.08 -37.73
C LYS A 934 -6.19 9.25 -36.83
N ALA A 935 -5.26 8.50 -37.41
CA ALA A 935 -4.26 7.80 -36.60
C ALA A 935 -3.53 8.77 -35.68
N HIS A 936 -2.93 9.80 -36.27
CA HIS A 936 -2.18 10.78 -35.47
C HIS A 936 -3.10 11.54 -34.52
N ILE A 937 -4.30 11.91 -34.99
CA ILE A 937 -5.21 12.70 -34.17
C ILE A 937 -5.61 11.92 -32.92
N PHE A 938 -6.06 10.68 -33.12
CA PHE A 938 -6.48 9.87 -31.98
C PHE A 938 -5.30 9.50 -31.10
N GLY A 939 -4.11 9.29 -31.69
CA GLY A 939 -2.94 9.04 -30.88
C GLY A 939 -2.64 10.19 -29.94
N ILE A 940 -2.64 11.41 -30.46
CA ILE A 940 -2.29 12.55 -29.61
C ILE A 940 -3.38 12.79 -28.56
N THR A 941 -4.66 12.63 -28.93
CA THR A 941 -5.70 12.87 -27.94
C THR A 941 -5.70 11.80 -26.85
N PHE A 942 -5.45 10.54 -27.22
CA PHE A 942 -5.38 9.48 -26.23
C PHE A 942 -4.19 9.67 -25.31
N SER A 943 -3.03 10.00 -25.87
CA SER A 943 -1.84 10.21 -25.06
C SER A 943 -2.02 11.37 -24.10
N PHE A 944 -2.63 12.47 -24.57
CA PHE A 944 -2.83 13.62 -23.69
C PHE A 944 -3.82 13.30 -22.59
N THR A 945 -4.91 12.62 -22.91
CA THR A 945 -5.88 12.27 -21.88
C THR A 945 -5.31 11.27 -20.88
N GLN A 946 -4.39 10.41 -21.32
CA GLN A 946 -3.74 9.50 -20.39
C GLN A 946 -2.78 10.25 -19.48
N ALA A 947 -1.98 11.16 -20.05
CA ALA A 947 -1.01 11.89 -19.24
C ALA A 947 -1.68 12.86 -18.28
N MET A 948 -2.90 13.29 -18.59
CA MET A 948 -3.61 14.15 -17.65
C MET A 948 -3.90 13.43 -16.34
N MET A 949 -4.20 12.13 -16.40
CA MET A 949 -4.41 11.35 -15.19
C MET A 949 -3.16 11.28 -14.34
N TYR A 950 -1.98 11.33 -14.98
CA TYR A 950 -0.73 11.34 -14.22
C TYR A 950 -0.43 12.72 -13.65
N PHE A 951 -0.72 13.77 -14.41
CA PHE A 951 -0.47 15.13 -13.91
C PHE A 951 -1.42 15.52 -12.79
N SER A 952 -2.61 14.89 -12.74
CA SER A 952 -3.53 15.16 -11.65
C SER A 952 -2.91 14.81 -10.31
N TYR A 953 -2.21 13.68 -10.23
CA TYR A 953 -1.48 13.32 -9.01
C TYR A 953 -0.56 14.45 -8.57
N ALA A 954 0.32 14.88 -9.47
CA ALA A 954 1.30 15.91 -9.13
C ALA A 954 0.61 17.16 -8.62
N GLY A 955 -0.34 17.70 -9.39
CA GLY A 955 -0.99 18.93 -8.98
C GLY A 955 -1.72 18.80 -7.66
N CYS A 956 -2.58 17.79 -7.56
CA CYS A 956 -3.40 17.61 -6.37
C CYS A 956 -2.55 17.44 -5.12
N PHE A 957 -1.52 16.59 -5.19
CA PHE A 957 -0.75 16.32 -3.98
C PHE A 957 0.28 17.41 -3.67
N ARG A 958 0.69 18.20 -4.66
CA ARG A 958 1.49 19.38 -4.33
C ARG A 958 0.65 20.41 -3.58
N PHE A 959 -0.55 20.70 -4.08
CA PHE A 959 -1.41 21.62 -3.34
C PHE A 959 -1.81 21.03 -1.99
N GLY A 960 -1.98 19.71 -1.91
CA GLY A 960 -2.29 19.09 -0.64
C GLY A 960 -1.16 19.16 0.35
N ALA A 961 0.08 19.02 -0.13
CA ALA A 961 1.23 19.22 0.75
C ALA A 961 1.26 20.63 1.28
N TYR A 962 1.01 21.62 0.42
CA TYR A 962 0.93 23.01 0.89
C TYR A 962 -0.14 23.16 1.97
N LEU A 963 -1.34 22.62 1.71
CA LEU A 963 -2.45 22.85 2.63
C LEU A 963 -2.28 22.07 3.94
N VAL A 964 -1.60 20.93 3.89
CA VAL A 964 -1.36 20.16 5.11
C VAL A 964 -0.25 20.81 5.92
N ALA A 965 0.78 21.32 5.26
CA ALA A 965 1.84 22.03 5.98
C ALA A 965 1.30 23.30 6.63
N HIS A 966 0.38 23.99 5.96
CA HIS A 966 -0.21 25.19 6.53
C HIS A 966 -1.46 24.90 7.35
N LYS A 967 -1.65 23.66 7.78
CA LYS A 967 -2.67 23.25 8.74
C LYS A 967 -4.10 23.54 8.29
N LEU A 968 -4.31 23.84 7.01
CA LEU A 968 -5.66 24.06 6.51
C LEU A 968 -6.39 22.77 6.17
N MET A 969 -5.71 21.63 6.23
CA MET A 969 -6.33 20.35 5.89
C MET A 969 -5.41 19.25 6.37
N SER A 970 -5.93 18.02 6.36
CA SER A 970 -5.18 16.83 6.72
C SER A 970 -5.02 15.92 5.51
N PHE A 971 -4.06 15.00 5.61
CA PHE A 971 -3.86 14.05 4.52
C PHE A 971 -5.06 13.16 4.32
N GLU A 972 -5.81 12.88 5.39
CA GLU A 972 -7.07 12.15 5.25
C GLU A 972 -8.01 12.88 4.30
N ASP A 973 -8.20 14.18 4.52
CA ASP A 973 -9.11 14.94 3.68
C ASP A 973 -8.54 15.13 2.27
N VAL A 974 -7.22 15.22 2.15
CA VAL A 974 -6.61 15.29 0.82
C VAL A 974 -6.93 14.03 0.03
N LEU A 975 -6.73 12.87 0.66
CA LEU A 975 -7.05 11.61 0.00
C LEU A 975 -8.53 11.51 -0.32
N LEU A 976 -9.38 11.98 0.59
CA LEU A 976 -10.82 11.93 0.35
C LEU A 976 -11.21 12.77 -0.87
N VAL A 977 -10.72 14.01 -0.92
CA VAL A 977 -11.02 14.88 -2.04
C VAL A 977 -10.51 14.29 -3.35
N PHE A 978 -9.27 13.77 -3.33
CA PHE A 978 -8.70 13.15 -4.52
C PHE A 978 -9.57 12.00 -5.01
N SER A 979 -9.84 11.03 -4.13
CA SER A 979 -10.59 9.84 -4.52
C SER A 979 -12.01 10.17 -4.93
N ALA A 980 -12.61 11.20 -4.34
CA ALA A 980 -14.00 11.51 -4.64
C ALA A 980 -14.16 12.41 -5.85
N VAL A 981 -13.12 13.16 -6.22
CA VAL A 981 -13.24 14.10 -7.32
C VAL A 981 -12.60 13.51 -8.58
N VAL A 982 -11.31 13.18 -8.51
CA VAL A 982 -10.62 12.71 -9.71
C VAL A 982 -11.21 11.39 -10.19
N PHE A 983 -11.29 10.40 -9.31
CA PHE A 983 -11.83 9.11 -9.71
C PHE A 983 -13.34 9.14 -9.84
N GLY A 984 -14.02 10.07 -9.15
CA GLY A 984 -15.42 10.29 -9.44
C GLY A 984 -15.65 10.74 -10.87
N ALA A 985 -14.84 11.68 -11.34
CA ALA A 985 -14.96 12.13 -12.73
C ALA A 985 -14.54 11.03 -13.71
N MET A 986 -13.53 10.23 -13.34
CA MET A 986 -13.15 9.12 -14.19
C MET A 986 -14.28 8.12 -14.34
N ALA A 987 -14.98 7.82 -13.23
CA ALA A 987 -16.12 6.91 -13.31
C ALA A 987 -17.28 7.54 -14.06
N VAL A 988 -17.45 8.86 -13.92
CA VAL A 988 -18.47 9.56 -14.70
C VAL A 988 -18.21 9.39 -16.19
N GLY A 989 -16.96 9.55 -16.60
CA GLY A 989 -16.62 9.34 -18.00
C GLY A 989 -16.81 7.91 -18.44
N GLN A 990 -16.39 6.96 -17.60
CA GLN A 990 -16.54 5.54 -17.95
C GLN A 990 -18.01 5.17 -18.12
N VAL A 991 -18.88 5.73 -17.28
CA VAL A 991 -20.31 5.44 -17.38
C VAL A 991 -20.91 6.14 -18.60
N SER A 992 -20.58 7.41 -18.81
CA SER A 992 -21.12 8.15 -19.93
C SER A 992 -20.64 7.62 -21.28
N SER A 993 -19.55 6.85 -21.28
CA SER A 993 -19.14 6.19 -22.53
C SER A 993 -20.15 5.15 -23.00
N PHE A 994 -21.04 4.70 -22.11
CA PHE A 994 -22.07 3.74 -22.46
C PHE A 994 -23.39 4.38 -22.87
N ALA A 995 -23.51 5.71 -22.73
CA ALA A 995 -24.77 6.36 -23.07
C ALA A 995 -24.92 6.45 -24.59
N PRO A 996 -26.04 6.01 -25.13
CA PRO A 996 -26.26 6.11 -26.57
C PRO A 996 -26.56 7.55 -27.00
N ASP A 997 -26.54 7.76 -28.31
CA ASP A 997 -26.79 9.08 -28.88
C ASP A 997 -28.21 9.53 -28.60
N TYR A 998 -28.37 10.59 -27.82
CA TYR A 998 -29.70 11.06 -27.45
C TYR A 998 -30.42 11.67 -28.65
N ALA A 999 -29.69 12.39 -29.51
CA ALA A 999 -30.32 12.99 -30.68
C ALA A 999 -30.81 11.94 -31.66
N LYS A 1000 -29.97 10.95 -31.96
CA LYS A 1000 -30.38 9.87 -32.84
C LYS A 1000 -31.54 9.07 -32.22
N ALA A 1001 -31.51 8.89 -30.89
CA ALA A 1001 -32.60 8.19 -30.23
C ALA A 1001 -33.91 8.95 -30.37
N LYS A 1002 -33.87 10.28 -30.21
CA LYS A 1002 -35.11 11.06 -30.35
C LYS A 1002 -35.59 11.08 -31.80
N ILE A 1003 -34.66 11.11 -32.76
CA ILE A 1003 -35.07 11.08 -34.16
C ILE A 1003 -35.73 9.74 -34.48
N SER A 1004 -35.15 8.64 -34.00
CA SER A 1004 -35.75 7.33 -34.22
C SER A 1004 -37.08 7.20 -33.51
N ALA A 1005 -37.23 7.81 -32.33
CA ALA A 1005 -38.50 7.78 -31.63
C ALA A 1005 -39.57 8.55 -32.40
N ALA A 1006 -39.20 9.70 -32.98
CA ALA A 1006 -40.14 10.44 -33.81
C ALA A 1006 -40.56 9.62 -35.03
N HIS A 1007 -39.60 8.96 -35.67
CA HIS A 1007 -39.92 8.09 -36.80
C HIS A 1007 -40.90 7.00 -36.39
N ILE A 1008 -40.58 6.29 -35.30
CA ILE A 1008 -41.43 5.19 -34.84
C ILE A 1008 -42.82 5.69 -34.52
N ILE A 1009 -42.91 6.86 -33.86
CA ILE A 1009 -44.22 7.39 -33.47
C ILE A 1009 -45.03 7.76 -34.69
N MET A 1010 -44.41 8.37 -35.70
CA MET A 1010 -45.19 8.75 -36.88
C MET A 1010 -45.65 7.52 -37.64
N ILE A 1011 -44.84 6.46 -37.69
CA ILE A 1011 -45.28 5.25 -38.37
C ILE A 1011 -46.39 4.55 -37.59
N ILE A 1012 -46.33 4.61 -36.26
CA ILE A 1012 -47.37 3.98 -35.45
C ILE A 1012 -48.68 4.73 -35.60
N GLU A 1013 -48.63 6.06 -35.60
CA GLU A 1013 -49.85 6.86 -35.70
C GLU A 1013 -50.31 7.10 -37.14
N LYS A 1014 -49.55 6.63 -38.13
CA LYS A 1014 -49.99 6.78 -39.51
C LYS A 1014 -51.26 5.96 -39.76
N THR A 1015 -52.26 6.62 -40.33
CA THR A 1015 -53.51 5.97 -40.69
C THR A 1015 -53.64 5.86 -42.19
N PRO A 1016 -53.99 4.70 -42.71
CA PRO A 1016 -54.07 4.53 -44.17
C PRO A 1016 -55.36 5.08 -44.75
N LEU A 1017 -55.34 5.27 -46.07
CA LEU A 1017 -56.52 5.73 -46.78
C LEU A 1017 -57.47 4.57 -47.11
N ILE A 1018 -56.97 3.58 -47.85
CA ILE A 1018 -57.74 2.39 -48.17
C ILE A 1018 -57.46 1.40 -47.05
N ASP A 1019 -58.33 1.39 -46.04
CA ASP A 1019 -58.14 0.54 -44.89
C ASP A 1019 -58.41 -0.92 -45.24
N SER A 1020 -57.48 -1.80 -44.87
CA SER A 1020 -57.62 -3.23 -45.09
C SER A 1020 -57.76 -4.00 -43.78
N TYR A 1021 -58.14 -3.32 -42.70
CA TYR A 1021 -58.24 -3.94 -41.39
C TYR A 1021 -59.70 -4.04 -40.95
N GLN B 1 5.95 15.91 32.58
CA GLN B 1 7.09 15.81 33.47
C GLN B 1 6.71 15.02 34.73
N VAL B 2 6.14 13.84 34.52
CA VAL B 2 5.71 13.02 35.64
C VAL B 2 6.92 12.44 36.35
N VAL B 3 6.94 12.57 37.67
CA VAL B 3 8.01 12.03 38.50
C VAL B 3 7.54 10.69 39.04
N MET B 4 8.17 9.61 38.61
CA MET B 4 7.79 8.27 39.01
C MET B 4 8.64 7.83 40.20
N THR B 5 7.98 7.39 41.26
CA THR B 5 8.64 7.00 42.49
C THR B 5 8.44 5.52 42.73
N GLN B 6 9.53 4.77 42.77
CA GLN B 6 9.49 3.35 43.10
C GLN B 6 9.67 3.20 44.61
N SER B 7 8.67 2.61 45.27
CA SER B 7 8.61 2.64 46.72
C SER B 7 9.76 1.88 47.37
N PRO B 8 10.03 0.60 47.01
CA PRO B 8 11.17 -0.08 47.62
C PRO B 8 12.41 0.00 46.74
N LEU B 9 13.44 0.72 47.19
CA LEU B 9 14.69 0.77 46.42
C LEU B 9 15.34 -0.60 46.35
N SER B 10 15.36 -1.32 47.45
CA SER B 10 15.82 -2.71 47.49
C SER B 10 14.76 -3.57 48.15
N LEU B 11 14.62 -4.80 47.65
CA LEU B 11 13.58 -5.71 48.11
C LEU B 11 14.19 -7.10 48.30
N PRO B 12 14.45 -7.52 49.54
CA PRO B 12 14.98 -8.87 49.78
C PRO B 12 13.88 -9.91 49.64
N VAL B 13 14.12 -10.91 48.80
CA VAL B 13 13.13 -11.96 48.56
C VAL B 13 13.78 -13.33 48.76
N SER B 14 12.98 -14.38 48.67
CA SER B 14 13.46 -15.75 48.80
C SER B 14 12.93 -16.59 47.63
N LEU B 15 13.61 -17.68 47.36
CA LEU B 15 13.22 -18.57 46.28
C LEU B 15 11.82 -19.13 46.53
N GLY B 16 11.04 -19.23 45.46
CA GLY B 16 9.70 -19.75 45.52
C GLY B 16 8.78 -18.96 46.44
N ASP B 17 8.72 -17.64 46.25
CA ASP B 17 7.91 -16.78 47.09
C ASP B 17 7.38 -15.63 46.24
N GLN B 18 6.52 -14.82 46.84
CA GLN B 18 5.87 -13.71 46.15
C GLN B 18 6.63 -12.42 46.43
N ALA B 19 6.87 -11.64 45.37
CA ALA B 19 7.50 -10.34 45.48
C ALA B 19 6.60 -9.29 44.87
N SER B 20 6.59 -8.10 45.49
CA SER B 20 5.73 -7.01 45.04
C SER B 20 6.54 -5.73 44.98
N ILE B 21 6.55 -5.10 43.80
CA ILE B 21 7.24 -3.85 43.57
C ILE B 21 6.21 -2.78 43.26
N SER B 22 6.25 -1.68 44.00
CA SER B 22 5.26 -0.62 43.87
C SER B 22 5.83 0.55 43.08
N CYS B 23 4.93 1.25 42.38
CA CYS B 23 5.29 2.44 41.62
C CYS B 23 4.23 3.51 41.84
N ARG B 24 4.69 4.72 42.16
CA ARG B 24 3.82 5.85 42.42
C ARG B 24 4.21 7.00 41.51
N SER B 25 3.23 7.57 40.83
CA SER B 25 3.46 8.70 39.93
C SER B 25 2.99 9.99 40.59
N SER B 26 3.67 11.08 40.27
CA SER B 26 3.29 12.38 40.78
C SER B 26 2.06 12.96 40.11
N GLN B 27 1.44 12.21 39.19
CA GLN B 27 0.31 12.69 38.43
C GLN B 27 -0.44 11.49 37.87
N SER B 28 -1.75 11.64 37.72
CA SER B 28 -2.58 10.55 37.22
C SER B 28 -2.11 10.10 35.84
N LEU B 29 -1.89 8.80 35.68
CA LEU B 29 -1.37 8.23 34.45
C LEU B 29 -2.47 7.76 33.52
N LEU B 30 -3.73 8.04 33.82
CA LEU B 30 -4.83 7.66 32.95
C LEU B 30 -4.97 8.65 31.81
N HIS B 31 -4.99 8.14 30.58
CA HIS B 31 -5.04 8.98 29.40
C HIS B 31 -6.49 9.37 29.08
N SER B 32 -6.64 10.32 28.15
CA SER B 32 -7.97 10.73 27.74
C SER B 32 -8.72 9.60 27.03
N ASN B 33 -8.00 8.68 26.40
CA ASN B 33 -8.62 7.55 25.72
C ASN B 33 -8.97 6.40 26.64
N GLY B 34 -8.87 6.60 27.96
CA GLY B 34 -9.26 5.59 28.91
C GLY B 34 -8.21 4.55 29.23
N ASN B 35 -7.01 4.67 28.68
CA ASN B 35 -5.95 3.72 28.92
C ASN B 35 -4.88 4.32 29.83
N THR B 36 -4.20 3.47 30.57
CA THR B 36 -3.10 3.87 31.44
C THR B 36 -1.82 3.24 30.91
N TYR B 37 -0.86 4.07 30.54
CA TYR B 37 0.35 3.60 29.88
C TYR B 37 1.50 3.55 30.90
N LEU B 38 1.50 2.49 31.68
CA LEU B 38 2.59 2.19 32.60
C LEU B 38 3.16 0.83 32.27
N HIS B 39 4.47 0.76 32.10
CA HIS B 39 5.15 -0.46 31.69
C HIS B 39 6.23 -0.83 32.69
N TRP B 40 6.47 -2.13 32.83
CA TRP B 40 7.46 -2.68 33.74
C TRP B 40 8.51 -3.40 32.94
N TYR B 41 9.78 -3.03 33.13
CA TYR B 41 10.91 -3.66 32.48
C TYR B 41 11.81 -4.29 33.54
N LEU B 42 12.50 -5.35 33.14
CA LEU B 42 13.53 -6.00 33.94
C LEU B 42 14.88 -5.81 33.27
N GLN B 43 15.88 -5.45 34.08
CA GLN B 43 17.22 -5.20 33.58
C GLN B 43 18.20 -6.03 34.39
N LYS B 44 18.99 -6.82 33.70
CA LYS B 44 20.06 -7.62 34.27
C LYS B 44 21.40 -6.98 33.99
N PRO B 45 22.40 -7.22 34.85
CA PRO B 45 23.71 -6.57 34.66
C PRO B 45 24.34 -6.94 33.33
N GLY B 46 24.67 -5.91 32.54
CA GLY B 46 25.32 -6.11 31.26
C GLY B 46 24.40 -6.51 30.12
N GLN B 47 23.11 -6.66 30.37
CA GLN B 47 22.15 -7.07 29.35
C GLN B 47 21.16 -5.95 29.08
N SER B 48 20.42 -6.11 28.00
CA SER B 48 19.43 -5.10 27.62
C SER B 48 18.19 -5.24 28.50
N PRO B 49 17.60 -4.13 28.92
CA PRO B 49 16.35 -4.20 29.69
C PRO B 49 15.25 -4.87 28.87
N LYS B 50 14.60 -5.86 29.49
CA LYS B 50 13.58 -6.66 28.83
C LYS B 50 12.20 -6.19 29.28
N LEU B 51 11.31 -6.00 28.31
CA LEU B 51 9.95 -5.58 28.61
C LEU B 51 9.18 -6.74 29.24
N LEU B 52 8.67 -6.52 30.45
CA LEU B 52 7.85 -7.51 31.14
C LEU B 52 6.36 -7.23 30.95
N ILE B 53 5.91 -6.06 31.41
CA ILE B 53 4.50 -5.71 31.37
C ILE B 53 4.33 -4.39 30.64
N TYR B 54 3.20 -4.23 29.98
CA TYR B 54 2.87 -2.95 29.35
C TYR B 54 1.39 -2.66 29.56
N LYS B 55 1.06 -1.38 29.63
CA LYS B 55 -0.30 -0.92 29.89
C LYS B 55 -0.85 -1.56 31.16
N VAL B 56 -0.10 -1.38 32.25
CA VAL B 56 -0.47 -1.79 33.61
C VAL B 56 -0.43 -3.30 33.77
N SER B 57 -1.21 -4.04 32.98
CA SER B 57 -1.43 -5.45 33.25
C SER B 57 -1.11 -6.41 32.10
N ASN B 58 -0.97 -5.94 30.87
CA ASN B 58 -0.78 -6.85 29.75
C ASN B 58 0.62 -7.44 29.76
N ARG B 59 0.70 -8.76 29.66
CA ARG B 59 1.97 -9.47 29.67
C ARG B 59 2.56 -9.47 28.26
N PHE B 60 3.86 -9.17 28.18
CA PHE B 60 4.53 -9.17 26.89
C PHE B 60 4.67 -10.59 26.36
N SER B 61 4.81 -10.70 25.04
CA SER B 61 4.91 -12.00 24.40
C SER B 61 6.19 -12.71 24.82
N GLY B 62 6.05 -13.87 25.47
CA GLY B 62 7.18 -14.64 25.95
C GLY B 62 7.36 -14.58 27.45
N VAL B 63 6.79 -13.59 28.12
CA VAL B 63 6.93 -13.47 29.58
C VAL B 63 6.08 -14.54 30.24
N PRO B 64 6.62 -15.31 31.18
CA PRO B 64 5.81 -16.34 31.85
C PRO B 64 4.72 -15.72 32.71
N ASP B 65 3.72 -16.55 33.03
CA ASP B 65 2.59 -16.13 33.84
C ASP B 65 2.98 -15.76 35.27
N ARG B 66 4.26 -15.88 35.61
CA ARG B 66 4.72 -15.51 36.94
C ARG B 66 4.50 -14.03 37.22
N PHE B 67 4.66 -13.19 36.20
CA PHE B 67 4.61 -11.74 36.37
C PHE B 67 3.19 -11.24 36.12
N SER B 68 2.70 -10.39 37.02
CA SER B 68 1.39 -9.80 36.89
C SER B 68 1.47 -8.33 37.24
N GLY B 69 0.58 -7.54 36.66
CA GLY B 69 0.54 -6.11 36.92
C GLY B 69 -0.85 -5.66 37.31
N SER B 70 -0.91 -4.74 38.26
CA SER B 70 -2.19 -4.23 38.74
C SER B 70 -2.03 -2.78 39.15
N GLY B 71 -3.14 -2.14 39.46
CA GLY B 71 -3.17 -0.78 39.93
C GLY B 71 -3.84 0.14 38.94
N SER B 72 -3.92 1.41 39.33
CA SER B 72 -4.55 2.45 38.53
C SER B 72 -4.18 3.80 39.10
N GLY B 73 -4.62 4.85 38.41
CA GLY B 73 -4.38 6.22 38.85
C GLY B 73 -2.91 6.55 39.03
N THR B 74 -2.49 6.68 40.28
CA THR B 74 -1.10 6.98 40.62
C THR B 74 -0.51 5.90 41.53
N ASP B 75 -0.99 4.67 41.40
CA ASP B 75 -0.52 3.58 42.25
C ASP B 75 -0.55 2.29 41.44
N PHE B 76 0.61 1.70 41.20
CA PHE B 76 0.72 0.49 40.40
C PHE B 76 1.62 -0.50 41.11
N THR B 77 1.48 -1.77 40.74
CA THR B 77 2.18 -2.85 41.42
C THR B 77 2.50 -3.96 40.44
N LEU B 78 3.74 -4.44 40.49
CA LEU B 78 4.18 -5.62 39.77
C LEU B 78 4.40 -6.75 40.76
N LYS B 79 3.83 -7.91 40.47
CA LYS B 79 3.87 -9.05 41.39
C LYS B 79 4.48 -10.25 40.69
N ILE B 80 5.44 -10.88 41.37
CA ILE B 80 6.04 -12.13 40.92
C ILE B 80 5.60 -13.23 41.88
N SER B 81 5.00 -14.28 41.33
CA SER B 81 4.36 -15.30 42.17
C SER B 81 5.40 -16.19 42.85
N ARG B 82 6.37 -16.70 42.09
CA ARG B 82 7.39 -17.62 42.61
C ARG B 82 8.75 -17.15 42.11
N VAL B 83 9.43 -16.34 42.91
CA VAL B 83 10.72 -15.77 42.54
C VAL B 83 11.73 -16.88 42.23
N GLU B 84 12.05 -17.04 40.96
CA GLU B 84 13.03 -18.03 40.54
C GLU B 84 14.42 -17.40 40.50
N ALA B 85 15.42 -18.20 40.13
CA ALA B 85 16.79 -17.70 40.07
C ALA B 85 17.00 -16.77 38.87
N GLU B 86 16.14 -16.84 37.87
CA GLU B 86 16.24 -15.98 36.70
C GLU B 86 15.45 -14.69 36.83
N ASP B 87 15.03 -14.34 38.04
CA ASP B 87 14.25 -13.13 38.28
C ASP B 87 15.01 -12.07 39.06
N LEU B 88 16.24 -12.35 39.49
CA LEU B 88 17.02 -11.38 40.22
C LEU B 88 17.56 -10.32 39.27
N GLY B 89 17.26 -9.07 39.56
CA GLY B 89 17.69 -7.98 38.69
C GLY B 89 17.14 -6.66 39.19
N VAL B 90 17.05 -5.70 38.28
CA VAL B 90 16.53 -4.37 38.58
C VAL B 90 15.24 -4.19 37.79
N TYR B 91 14.12 -4.09 38.51
CA TYR B 91 12.83 -3.88 37.90
C TYR B 91 12.50 -2.40 37.96
N PHE B 92 12.26 -1.79 36.79
CA PHE B 92 11.93 -0.37 36.75
C PHE B 92 10.67 -0.14 35.93
N CYS B 93 9.87 0.81 36.36
CA CYS B 93 8.64 1.17 35.69
C CYS B 93 8.89 2.33 34.72
N SER B 94 7.91 2.57 33.85
CA SER B 94 8.02 3.63 32.86
C SER B 94 6.62 4.07 32.47
N GLN B 95 6.42 5.38 32.39
CA GLN B 95 5.15 5.94 31.95
C GLN B 95 5.30 6.49 30.54
N SER B 96 4.21 6.38 29.78
CA SER B 96 4.16 6.92 28.42
C SER B 96 2.96 7.83 28.21
N THR B 97 2.20 8.14 29.25
CA THR B 97 1.02 8.97 29.09
C THR B 97 1.40 10.42 28.82
N HIS B 98 2.25 10.99 29.66
CA HIS B 98 2.62 12.40 29.59
C HIS B 98 4.05 12.51 29.05
N ILE B 99 4.15 12.79 27.76
CA ILE B 99 5.44 13.00 27.08
C ILE B 99 5.36 14.41 26.49
N PRO B 100 6.41 14.96 25.86
CA PRO B 100 7.76 14.53 25.42
C PRO B 100 8.67 13.82 26.44
N PRO B 101 8.79 14.31 27.69
CA PRO B 101 9.77 13.68 28.59
C PRO B 101 9.34 12.30 29.06
N TRP B 102 9.75 11.25 28.35
CA TRP B 102 9.62 9.90 28.87
C TRP B 102 10.36 9.78 30.19
N THR B 103 9.65 9.36 31.22
CA THR B 103 10.25 9.24 32.55
C THR B 103 10.17 7.80 33.02
N PHE B 104 11.14 7.41 33.84
CA PHE B 104 11.27 6.04 34.32
C PHE B 104 11.38 6.04 35.84
N GLY B 105 11.11 4.88 36.43
CA GLY B 105 11.25 4.74 37.86
C GLY B 105 12.69 4.60 38.28
N GLY B 106 12.91 4.69 39.59
CA GLY B 106 14.26 4.59 40.12
C GLY B 106 14.83 3.19 40.02
N GLY B 107 13.97 2.19 40.02
CA GLY B 107 14.42 0.80 39.96
C GLY B 107 14.33 0.12 41.31
N THR B 108 14.26 -1.20 41.27
CA THR B 108 14.16 -2.02 42.47
C THR B 108 15.02 -3.26 42.28
N LYS B 109 16.11 -3.35 43.03
CA LYS B 109 16.97 -4.53 42.98
C LYS B 109 16.45 -5.61 43.92
N LEU B 110 16.45 -6.85 43.44
CA LEU B 110 15.97 -7.99 44.22
C LEU B 110 17.15 -8.69 44.86
N ASP B 111 17.31 -8.49 46.16
CA ASP B 111 18.30 -9.21 46.96
C ASP B 111 17.72 -10.52 47.44
N ILE B 112 18.60 -11.45 47.78
CA ILE B 112 18.18 -12.78 48.22
C ILE B 112 18.19 -12.81 49.73
N LYS B 113 17.03 -13.09 50.34
CA LYS B 113 16.89 -13.04 51.78
C LYS B 113 17.46 -14.29 52.42
N ARG B 114 18.36 -14.10 53.39
CA ARG B 114 18.91 -15.18 54.19
C ARG B 114 18.78 -14.79 55.66
N ALA B 115 19.43 -15.56 56.52
CA ALA B 115 19.43 -15.24 57.95
C ALA B 115 20.21 -13.96 58.20
N ASP B 116 19.93 -13.34 59.35
CA ASP B 116 20.64 -12.13 59.72
C ASP B 116 22.07 -12.45 60.11
N ALA B 117 22.94 -11.45 60.01
CA ALA B 117 24.36 -11.62 60.28
C ALA B 117 24.93 -10.33 60.85
N ALA B 118 26.15 -10.45 61.38
CA ALA B 118 26.91 -9.33 61.91
C ALA B 118 28.26 -9.26 61.22
N PRO B 119 28.75 -8.06 60.95
CA PRO B 119 30.03 -7.94 60.23
C PRO B 119 31.21 -8.31 61.10
N THR B 120 32.28 -8.75 60.44
CA THR B 120 33.56 -9.03 61.09
C THR B 120 34.49 -7.84 60.88
N VAL B 121 34.17 -6.75 61.58
CA VAL B 121 34.85 -5.48 61.33
C VAL B 121 36.29 -5.55 61.81
N SER B 122 37.22 -5.20 60.93
CA SER B 122 38.64 -5.14 61.25
C SER B 122 39.22 -3.84 60.72
N ILE B 123 40.35 -3.44 61.30
CA ILE B 123 41.01 -2.19 60.94
C ILE B 123 42.48 -2.47 60.64
N PHE B 124 43.09 -1.55 59.88
CA PHE B 124 44.49 -1.68 59.50
C PHE B 124 45.16 -0.31 59.45
N PRO B 125 46.21 -0.10 60.23
CA PRO B 125 46.96 1.16 60.15
C PRO B 125 47.75 1.23 58.84
N PRO B 126 48.15 2.43 58.43
CA PRO B 126 48.93 2.56 57.19
C PRO B 126 50.21 1.75 57.26
N SER B 127 50.70 1.35 56.08
CA SER B 127 51.94 0.59 55.99
C SER B 127 53.07 1.43 55.41
N GLY B 135 52.39 8.86 52.82
CA GLY B 135 50.97 8.71 52.50
C GLY B 135 50.20 7.99 53.60
N LEU B 136 49.19 8.66 54.14
CA LEU B 136 48.36 8.12 55.20
C LEU B 136 47.08 7.54 54.62
N SER B 137 46.63 6.41 55.19
CA SER B 137 45.42 5.75 54.76
C SER B 137 45.03 4.63 55.72
N VAL B 138 43.97 4.84 56.50
CA VAL B 138 43.45 3.81 57.40
C VAL B 138 42.24 3.17 56.73
N VAL B 139 42.25 1.84 56.68
CA VAL B 139 41.18 1.10 56.03
C VAL B 139 40.37 0.35 57.08
N CYS B 140 39.11 0.11 56.77
CA CYS B 140 38.19 -0.63 57.61
C CYS B 140 37.47 -1.67 56.76
N PHE B 141 37.63 -2.93 57.13
CA PHE B 141 37.06 -4.05 56.39
C PHE B 141 35.89 -4.61 57.20
N LEU B 142 34.68 -4.39 56.71
CA LEU B 142 33.47 -4.92 57.33
C LEU B 142 32.94 -6.03 56.45
N ASN B 143 33.30 -7.27 56.78
CA ASN B 143 33.04 -8.42 55.93
C ASN B 143 31.85 -9.21 56.46
N ASN B 144 31.03 -9.71 55.54
CA ASN B 144 29.91 -10.60 55.84
C ASN B 144 28.92 -9.96 56.81
N PHE B 145 27.98 -9.18 56.28
CA PHE B 145 26.91 -8.59 57.08
C PHE B 145 25.65 -8.52 56.23
N TYR B 146 24.51 -8.40 56.91
CA TYR B 146 23.23 -8.23 56.23
C TYR B 146 22.47 -7.05 56.83
N GLY B 164 37.68 13.08 54.33
CA GLY B 164 38.45 12.21 53.46
C GLY B 164 38.00 10.75 53.54
N VAL B 165 36.69 10.56 53.69
CA VAL B 165 36.12 9.23 53.78
C VAL B 165 35.73 8.75 52.39
N LEU B 166 36.08 7.51 52.07
CA LEU B 166 35.77 6.93 50.77
C LEU B 166 35.32 5.50 50.99
N ASN B 167 34.11 5.18 50.52
CA ASN B 167 33.47 3.91 50.79
C ASN B 167 33.28 3.11 49.51
N SER B 168 33.38 1.80 49.64
CA SER B 168 33.06 0.87 48.56
C SER B 168 32.21 -0.25 49.12
N TRP B 169 31.39 -0.86 48.25
CA TRP B 169 30.50 -1.94 48.66
C TRP B 169 30.56 -3.06 47.64
N THR B 170 30.75 -4.28 48.12
CA THR B 170 30.69 -5.43 47.25
C THR B 170 29.23 -5.86 47.04
N ASP B 171 29.02 -6.68 46.03
CA ASP B 171 27.67 -7.17 45.72
C ASP B 171 27.37 -8.43 46.53
N GLN B 172 26.12 -8.87 46.45
CA GLN B 172 25.70 -10.09 47.13
C GLN B 172 26.45 -11.29 46.57
N ASP B 173 27.26 -11.93 47.41
CA ASP B 173 28.02 -13.08 46.96
C ASP B 173 27.08 -14.23 46.61
N SER B 174 27.49 -15.02 45.61
CA SER B 174 26.63 -16.10 45.12
C SER B 174 26.54 -17.27 46.09
N LYS B 175 27.52 -17.42 46.99
CA LYS B 175 27.54 -18.59 47.87
C LYS B 175 26.62 -18.40 49.07
N ASP B 176 26.92 -17.43 49.93
CA ASP B 176 26.16 -17.23 51.15
C ASP B 176 25.27 -15.99 51.11
N SER B 177 25.28 -15.23 50.01
CA SER B 177 24.40 -14.07 49.81
C SER B 177 24.59 -13.04 50.93
N THR B 178 25.82 -12.55 51.05
CA THR B 178 26.17 -11.63 52.12
C THR B 178 27.05 -10.51 51.57
N TYR B 179 26.85 -9.31 52.10
CA TYR B 179 27.61 -8.14 51.70
C TYR B 179 28.91 -8.04 52.50
N SER B 180 29.83 -7.25 51.98
CA SER B 180 31.13 -7.05 52.65
C SER B 180 31.60 -5.61 52.51
N SER B 182 33.70 -1.83 52.48
CA SER B 182 34.96 -1.34 53.03
C SER B 182 35.04 0.18 53.03
N SER B 183 35.83 0.72 53.95
CA SER B 183 35.98 2.17 54.11
C SER B 183 37.46 2.54 54.14
N THR B 184 37.74 3.78 53.75
CA THR B 184 39.11 4.28 53.75
C THR B 184 39.12 5.75 54.11
N LEU B 185 39.91 6.10 55.13
CA LEU B 185 40.15 7.48 55.53
C LEU B 185 41.57 7.86 55.15
N THR B 186 41.71 8.96 54.42
CA THR B 186 43.03 9.43 54.02
C THR B 186 43.13 10.95 54.12
N ARG B 194 48.76 14.44 63.91
CA ARG B 194 47.31 14.23 63.97
C ARG B 194 46.91 13.67 65.33
N HIS B 195 45.78 12.96 65.36
CA HIS B 195 45.26 12.36 66.57
C HIS B 195 45.52 10.86 66.57
N ASN B 196 45.89 10.33 67.74
CA ASN B 196 46.17 8.91 67.86
C ASN B 196 44.89 8.08 67.90
N SER B 197 43.84 8.62 68.54
CA SER B 197 42.56 7.92 68.65
C SER B 197 41.90 7.87 67.28
N TYR B 198 41.98 6.72 66.62
CA TYR B 198 41.39 6.52 65.30
C TYR B 198 40.46 5.30 65.39
N THR B 199 39.16 5.55 65.44
CA THR B 199 38.16 4.51 65.56
C THR B 199 37.30 4.43 64.30
N CYS B 200 36.48 3.39 64.25
CA CYS B 200 35.57 3.17 63.13
C CYS B 200 34.29 2.55 63.66
N GLU B 201 33.19 3.29 63.55
CA GLU B 201 31.90 2.84 64.07
C GLU B 201 31.15 2.08 62.99
N ALA B 202 30.69 0.87 63.34
CA ALA B 202 29.91 0.02 62.44
C ALA B 202 28.50 -0.07 63.02
N THR B 203 27.70 0.97 62.79
CA THR B 203 26.34 1.03 63.30
C THR B 203 25.41 0.26 62.35
N HIS B 204 25.45 -1.06 62.49
CA HIS B 204 24.62 -1.92 61.67
C HIS B 204 23.18 -1.94 62.19
N LYS B 205 22.27 -2.38 61.34
CA LYS B 205 20.85 -2.47 61.72
C LYS B 205 20.58 -3.60 62.68
N THR B 206 21.55 -4.47 62.94
CA THR B 206 21.37 -5.58 63.87
C THR B 206 21.62 -5.14 65.30
N PRO B 210 26.46 -0.71 68.78
CA PRO B 210 27.26 -0.81 67.56
C PRO B 210 28.64 -1.41 67.80
N ILE B 211 29.33 -1.79 66.73
CA ILE B 211 30.66 -2.38 66.82
C ILE B 211 31.69 -1.32 66.47
N VAL B 212 32.74 -1.24 67.28
CA VAL B 212 33.81 -0.26 67.09
C VAL B 212 35.15 -0.95 67.25
N LYS B 213 36.09 -0.65 66.37
CA LYS B 213 37.45 -1.15 66.44
C LYS B 213 38.41 0.01 66.47
N SER B 214 39.40 -0.06 67.37
CA SER B 214 40.35 1.01 67.58
C SER B 214 41.77 0.50 67.40
N PHE B 215 42.69 1.45 67.19
CA PHE B 215 44.10 1.14 67.02
C PHE B 215 44.91 2.41 67.25
N ASN B 216 46.11 2.23 67.81
CA ASN B 216 47.00 3.34 68.09
C ASN B 216 48.32 3.12 67.37
N ARG B 217 48.95 4.22 66.97
CA ARG B 217 50.21 4.16 66.24
C ARG B 217 51.37 3.83 67.17
N GLU C 1 13.58 -12.39 15.63
CA GLU C 1 14.47 -12.12 16.75
C GLU C 1 15.04 -10.71 16.65
N VAL C 2 14.35 -9.77 17.30
CA VAL C 2 14.77 -8.37 17.25
C VAL C 2 16.02 -8.17 18.10
N GLN C 3 17.00 -7.47 17.56
CA GLN C 3 18.26 -7.23 18.25
C GLN C 3 18.71 -5.80 18.00
N LEU C 4 19.15 -5.13 19.08
CA LEU C 4 19.72 -3.79 19.02
C LEU C 4 21.10 -3.88 19.65
N GLN C 5 22.13 -4.07 18.83
CA GLN C 5 23.49 -4.30 19.30
C GLN C 5 24.21 -2.96 19.40
N GLU C 6 24.73 -2.65 20.58
CA GLU C 6 25.43 -1.38 20.80
C GLU C 6 26.93 -1.58 20.79
N SER C 7 27.65 -0.48 20.57
CA SER C 7 29.10 -0.52 20.52
C SER C 7 29.67 -0.79 21.93
N GLY C 8 30.98 -1.02 21.98
CA GLY C 8 31.62 -1.38 23.22
C GLY C 8 31.85 -0.19 24.11
N PRO C 9 32.39 -0.47 25.30
CA PRO C 9 32.69 0.61 26.25
C PRO C 9 33.82 1.48 25.74
N GLU C 10 33.70 2.79 25.96
CA GLU C 10 34.64 3.76 25.41
C GLU C 10 35.06 4.74 26.50
N LEU C 11 36.37 4.90 26.67
CA LEU C 11 36.95 5.83 27.61
C LEU C 11 37.54 7.00 26.83
N VAL C 12 37.01 8.20 27.06
CA VAL C 12 37.39 9.39 26.31
C VAL C 12 37.97 10.42 27.27
N LYS C 13 38.55 11.47 26.69
CA LYS C 13 39.12 12.58 27.45
C LYS C 13 38.08 13.69 27.59
N THR C 14 38.24 14.50 28.64
CA THR C 14 37.30 15.58 28.90
C THR C 14 37.40 16.64 27.81
N GLY C 15 36.24 17.15 27.38
CA GLY C 15 36.18 18.17 26.36
C GLY C 15 36.17 17.64 24.94
N ALA C 16 36.49 16.37 24.74
CA ALA C 16 36.51 15.79 23.40
C ALA C 16 35.10 15.40 22.98
N SER C 17 34.98 14.66 21.87
CA SER C 17 33.70 14.19 21.39
C SER C 17 33.81 12.70 21.10
N VAL C 18 32.66 12.03 21.10
CA VAL C 18 32.60 10.59 20.85
C VAL C 18 31.22 10.26 20.31
N LYS C 19 31.18 9.27 19.42
CA LYS C 19 29.95 8.85 18.76
C LYS C 19 29.72 7.38 19.03
N ILE C 20 28.61 7.06 19.68
CA ILE C 20 28.23 5.68 19.96
C ILE C 20 27.16 5.26 18.97
N SER C 21 27.06 3.95 18.75
CA SER C 21 26.19 3.40 17.72
C SER C 21 25.25 2.36 18.29
N CYS C 22 24.17 2.13 17.55
CA CYS C 22 23.15 1.14 17.88
C CYS C 22 22.70 0.53 16.55
N LYS C 23 23.16 -0.69 16.27
CA LYS C 23 22.86 -1.38 15.03
C LYS C 23 21.65 -2.26 15.23
N ALA C 24 20.64 -2.09 14.38
CA ALA C 24 19.40 -2.85 14.48
C ALA C 24 19.44 -4.06 13.55
N SER C 25 18.75 -5.11 13.96
CA SER C 25 18.68 -6.31 13.14
C SER C 25 17.43 -7.09 13.51
N GLY C 26 16.84 -7.73 12.51
CA GLY C 26 15.71 -8.61 12.72
C GLY C 26 14.34 -7.97 12.56
N TYR C 27 14.25 -6.78 11.99
CA TYR C 27 12.97 -6.10 11.83
C TYR C 27 13.13 -4.99 10.81
N SER C 28 11.98 -4.41 10.43
CA SER C 28 11.96 -3.30 9.49
C SER C 28 12.49 -2.04 10.17
N PHE C 29 13.67 -1.60 9.75
CA PHE C 29 14.36 -0.52 10.45
C PHE C 29 13.61 0.80 10.35
N SER C 30 13.06 1.10 9.17
CA SER C 30 12.49 2.41 8.88
C SER C 30 11.10 2.62 9.46
N ASN C 31 10.62 1.71 10.31
CA ASN C 31 9.28 1.81 10.86
C ASN C 31 9.27 2.19 12.34
N TYR C 32 10.41 2.62 12.89
CA TYR C 32 10.54 2.85 14.31
C TYR C 32 11.37 4.09 14.58
N TYR C 33 11.12 4.71 15.73
CA TYR C 33 12.04 5.67 16.30
C TYR C 33 13.07 4.93 17.16
N ILE C 34 14.27 5.50 17.24
CA ILE C 34 15.29 5.04 18.16
C ILE C 34 15.44 6.11 19.25
N HIS C 35 15.03 5.75 20.46
CA HIS C 35 15.16 6.61 21.62
C HIS C 35 16.47 6.32 22.34
N TRP C 36 17.08 7.37 22.88
CA TRP C 36 18.32 7.26 23.63
C TRP C 36 18.05 7.60 25.09
N VAL C 37 18.59 6.77 25.98
CA VAL C 37 18.39 6.94 27.41
C VAL C 37 19.76 6.92 28.09
N LYS C 38 19.89 7.70 29.16
CA LYS C 38 21.13 7.82 29.92
C LYS C 38 20.89 7.38 31.35
N GLN C 39 21.78 6.53 31.85
CA GLN C 39 21.72 6.05 33.24
C GLN C 39 23.06 6.33 33.90
N SER C 40 23.07 7.26 34.85
CA SER C 40 24.24 7.44 35.70
C SER C 40 24.16 6.48 36.88
N HIS C 41 25.31 6.28 37.53
CA HIS C 41 25.36 5.35 38.64
C HIS C 41 24.53 5.87 39.81
N GLY C 42 23.67 5.00 40.34
CA GLY C 42 22.79 5.38 41.43
C GLY C 42 21.75 6.40 41.04
N LYS C 43 21.29 6.38 39.79
CA LYS C 43 20.31 7.33 39.30
C LYS C 43 19.35 6.63 38.37
N SER C 44 18.13 7.17 38.30
CA SER C 44 17.13 6.62 37.41
C SER C 44 17.44 6.98 35.96
N LEU C 45 16.85 6.23 35.04
CA LEU C 45 17.07 6.46 33.62
C LEU C 45 16.47 7.80 33.21
N GLU C 46 17.10 8.43 32.22
CA GLU C 46 16.71 9.76 31.79
C GLU C 46 16.67 9.81 30.27
N TRP C 47 15.56 10.28 29.72
CA TRP C 47 15.34 10.28 28.29
C TRP C 47 16.05 11.45 27.63
N ILE C 48 16.91 11.16 26.65
CA ILE C 48 17.65 12.20 25.94
C ILE C 48 16.86 12.71 24.74
N GLY C 49 16.27 11.80 23.98
CA GLY C 49 15.53 12.17 22.78
C GLY C 49 15.34 10.96 21.90
N PHE C 50 14.83 11.23 20.70
CA PHE C 50 14.64 10.18 19.72
C PHE C 50 14.94 10.70 18.33
N ILE C 51 15.18 9.76 17.42
CA ILE C 51 15.36 10.04 16.00
C ILE C 51 14.44 9.12 15.21
N SER C 52 13.91 9.62 14.10
CA SER C 52 13.08 8.81 13.22
C SER C 52 13.98 8.05 12.25
N CYS C 53 13.89 6.72 12.29
CA CYS C 53 14.71 5.88 11.43
C CYS C 53 14.22 5.87 9.99
N TYR C 54 13.19 6.65 9.67
CA TYR C 54 12.66 6.73 8.31
C TYR C 54 13.30 7.86 7.51
N ASN C 55 13.34 9.07 8.08
CA ASN C 55 13.94 10.22 7.41
C ASN C 55 15.06 10.88 8.19
N GLY C 56 15.09 10.72 9.51
CA GLY C 56 16.13 11.32 10.33
C GLY C 56 15.68 12.47 11.20
N ALA C 57 14.38 12.72 11.30
CA ALA C 57 13.89 13.81 12.14
C ALA C 57 14.16 13.53 13.60
N THR C 58 14.69 14.52 14.30
CA THR C 58 15.13 14.36 15.68
C THR C 58 14.25 15.17 16.62
N PHE C 59 14.20 14.72 17.87
CA PHE C 59 13.67 15.51 18.97
C PHE C 59 14.56 15.27 20.19
N TYR C 60 14.92 16.34 20.89
CA TYR C 60 15.84 16.27 22.00
C TYR C 60 15.16 16.74 23.28
N ASN C 61 15.56 16.14 24.40
CA ASN C 61 15.21 16.70 25.69
C ASN C 61 15.84 18.08 25.83
N GLN C 62 15.11 19.01 26.45
CA GLN C 62 15.58 20.39 26.53
C GLN C 62 16.89 20.50 27.31
N LYS C 63 17.19 19.51 28.15
CA LYS C 63 18.44 19.53 28.89
C LYS C 63 19.62 19.18 27.98
N PHE C 64 19.42 18.26 27.04
CA PHE C 64 20.49 17.76 26.19
C PHE C 64 20.57 18.45 24.84
N LYS C 65 19.71 19.44 24.58
CA LYS C 65 19.71 20.10 23.28
C LYS C 65 21.01 20.86 23.06
N GLY C 66 21.78 20.44 22.06
CA GLY C 66 23.02 21.11 21.73
C GLY C 66 24.24 20.25 21.94
N LYS C 67 24.25 19.48 23.03
CA LYS C 67 25.40 18.65 23.37
C LYS C 67 25.26 17.22 22.87
N ALA C 68 24.16 16.88 22.21
CA ALA C 68 23.97 15.55 21.65
C ALA C 68 23.38 15.69 20.25
N THR C 69 23.79 14.79 19.36
CA THR C 69 23.36 14.81 17.97
C THR C 69 23.01 13.41 17.53
N PHE C 70 21.81 13.22 17.01
CA PHE C 70 21.36 11.94 16.51
C PHE C 70 21.50 11.88 15.00
N THR C 71 21.99 10.75 14.50
CA THR C 71 22.05 10.50 13.06
C THR C 71 21.64 9.05 12.79
N VAL C 72 21.34 8.76 11.53
CA VAL C 72 20.92 7.43 11.13
C VAL C 72 21.54 7.07 9.78
N ASP C 73 21.96 5.82 9.66
CA ASP C 73 22.44 5.25 8.40
C ASP C 73 21.51 4.10 8.05
N ASN C 74 20.58 4.35 7.12
CA ASN C 74 19.59 3.35 6.76
C ASN C 74 20.18 2.20 5.97
N SER C 75 21.31 2.41 5.30
CA SER C 75 21.97 1.33 4.56
C SER C 75 22.37 0.22 5.51
N SER C 76 23.23 0.53 6.48
CA SER C 76 23.60 -0.43 7.52
C SER C 76 22.56 -0.54 8.62
N SER C 77 21.53 0.30 8.59
CA SER C 77 20.44 0.29 9.57
C SER C 77 20.99 0.48 10.98
N THR C 78 21.69 1.60 11.17
CA THR C 78 22.29 1.93 12.45
C THR C 78 21.90 3.34 12.85
N ALA C 79 21.89 3.59 14.16
CA ALA C 79 21.68 4.91 14.71
C ALA C 79 22.93 5.33 15.45
N TYR C 80 23.21 6.63 15.45
CA TYR C 80 24.41 7.17 16.08
C TYR C 80 24.03 8.33 16.99
N MET C 81 24.65 8.35 18.15
CA MET C 81 24.52 9.46 19.10
C MET C 81 25.90 10.03 19.35
N LYS C 82 26.09 11.30 19.03
CA LYS C 82 27.39 11.96 19.15
C LYS C 82 27.33 13.03 20.22
N PHE C 83 28.33 13.03 21.10
CA PHE C 83 28.48 14.06 22.10
C PHE C 83 29.32 15.22 21.58
N ASN C 84 29.24 16.34 22.27
CA ASN C 84 30.02 17.52 21.91
C ASN C 84 30.49 18.19 23.19
N SER C 85 31.80 18.34 23.32
CA SER C 85 32.42 18.91 24.52
C SER C 85 32.00 18.12 25.77
N LEU C 86 32.53 16.91 25.85
CA LEU C 86 32.17 15.99 26.92
C LEU C 86 32.65 16.52 28.27
N THR C 87 32.03 16.00 29.33
CA THR C 87 32.37 16.38 30.69
C THR C 87 32.16 15.20 31.60
N PHE C 88 32.58 15.35 32.86
CA PHE C 88 32.48 14.25 33.82
C PHE C 88 31.04 13.79 34.00
N GLU C 89 30.11 14.74 34.07
CA GLU C 89 28.69 14.41 34.29
C GLU C 89 28.12 13.66 33.09
N ASP C 90 28.92 13.46 32.05
CA ASP C 90 28.49 12.68 30.90
C ASP C 90 28.86 11.20 31.01
N SER C 91 29.65 10.82 32.00
CA SER C 91 30.04 9.42 32.16
C SER C 91 28.86 8.61 32.69
N ALA C 92 28.32 7.72 31.85
CA ALA C 92 27.12 6.98 32.20
C ALA C 92 26.95 5.84 31.19
N VAL C 93 25.88 5.07 31.35
CA VAL C 93 25.53 3.99 30.43
C VAL C 93 24.39 4.49 29.55
N TYR C 94 24.59 4.44 28.25
CA TYR C 94 23.62 4.96 27.29
C TYR C 94 22.96 3.78 26.56
N TYR C 95 21.64 3.74 26.60
CA TYR C 95 20.85 2.69 25.99
C TYR C 95 20.11 3.22 24.77
N CYS C 96 19.87 2.34 23.81
CA CYS C 96 19.04 2.62 22.65
C CYS C 96 17.83 1.71 22.68
N ALA C 97 16.66 2.28 22.42
CA ALA C 97 15.41 1.53 22.40
C ALA C 97 14.66 1.87 21.12
N ARG C 98 13.75 0.98 20.72
CA ARG C 98 12.94 1.22 19.54
C ARG C 98 11.49 1.43 19.93
N LEU C 99 10.79 2.26 19.15
CA LEU C 99 9.41 2.59 19.42
C LEU C 99 8.65 2.63 18.10
N PRO C 100 7.52 1.94 17.98
CA PRO C 100 6.77 1.96 16.72
C PRO C 100 6.31 3.37 16.37
N ILE C 101 6.53 3.74 15.10
CA ILE C 101 6.08 5.05 14.64
C ILE C 101 4.56 5.13 14.63
N GLN C 102 3.88 4.02 14.37
CA GLN C 102 2.42 4.04 14.27
C GLN C 102 1.78 4.38 15.60
N PHE C 103 2.32 3.86 16.70
CA PHE C 103 1.81 4.15 18.05
C PHE C 103 2.92 4.83 18.83
N GLY C 104 2.98 6.15 18.75
CA GLY C 104 3.94 6.90 19.53
C GLY C 104 3.42 7.15 20.93
N ASN C 105 4.20 6.75 21.93
CA ASN C 105 3.90 6.92 23.35
C ASN C 105 2.63 6.18 23.76
N PHE C 106 1.94 5.56 22.81
CA PHE C 106 0.84 4.66 23.12
C PHE C 106 1.27 3.20 23.07
N TYR C 107 2.57 2.94 23.24
CA TYR C 107 3.14 1.62 23.06
C TYR C 107 4.50 1.66 23.74
N PRO C 108 4.89 0.63 24.48
CA PRO C 108 6.14 0.69 25.24
C PRO C 108 7.36 0.61 24.34
N MET C 109 8.52 0.77 24.96
CA MET C 109 9.80 0.55 24.30
C MET C 109 10.09 -0.94 24.38
N ASP C 110 9.63 -1.69 23.38
CA ASP C 110 9.63 -3.15 23.45
C ASP C 110 11.03 -3.74 23.51
N TYR C 111 11.98 -3.19 22.76
CA TYR C 111 13.31 -3.76 22.68
C TYR C 111 14.36 -2.69 22.92
N TRP C 112 15.39 -3.05 23.70
CA TRP C 112 16.43 -2.13 24.10
C TRP C 112 17.79 -2.65 23.66
N GLY C 113 18.77 -1.75 23.66
CA GLY C 113 20.15 -2.16 23.47
C GLY C 113 20.79 -2.56 24.79
N GLN C 114 21.91 -3.27 24.69
CA GLN C 114 22.57 -3.78 25.89
C GLN C 114 23.32 -2.69 26.66
N GLY C 115 23.49 -1.51 26.08
CA GLY C 115 24.10 -0.41 26.80
C GLY C 115 25.54 -0.14 26.41
N THR C 116 25.91 1.14 26.38
CA THR C 116 27.28 1.56 26.07
C THR C 116 27.80 2.39 27.23
N THR C 117 28.89 1.95 27.84
CA THR C 117 29.47 2.65 28.97
C THR C 117 30.44 3.71 28.46
N VAL C 118 30.19 4.96 28.86
CA VAL C 118 31.02 6.09 28.44
C VAL C 118 31.63 6.69 29.70
N THR C 119 32.95 6.60 29.82
CA THR C 119 33.69 7.14 30.95
C THR C 119 34.49 8.34 30.47
N VAL C 120 34.18 9.51 31.01
CA VAL C 120 34.83 10.76 30.63
C VAL C 120 35.76 11.17 31.75
N SER C 121 37.03 11.33 31.43
CA SER C 121 38.03 11.73 32.42
C SER C 121 39.23 12.34 31.71
N SER C 122 39.80 13.36 32.32
CA SER C 122 40.94 14.08 31.75
C SER C 122 42.28 13.49 32.18
N ALA C 123 42.29 12.60 33.17
CA ALA C 123 43.54 12.07 33.69
C ALA C 123 44.20 11.15 32.67
N LYS C 124 45.53 11.03 32.78
CA LYS C 124 46.32 10.18 31.91
C LYS C 124 46.66 8.87 32.62
N THR C 125 47.38 8.01 31.90
CA THR C 125 47.75 6.70 32.44
C THR C 125 48.65 6.86 33.65
N THR C 126 48.40 6.04 34.68
CA THR C 126 49.15 6.10 35.92
C THR C 126 49.49 4.69 36.36
N ALA C 127 50.55 4.57 37.18
CA ALA C 127 51.00 3.30 37.70
C ALA C 127 50.35 3.02 39.04
N PRO C 128 49.83 1.81 39.26
CA PRO C 128 49.19 1.52 40.54
C PRO C 128 50.20 1.40 41.67
N SER C 129 49.86 1.98 42.82
CA SER C 129 50.68 1.87 44.02
C SER C 129 50.06 0.84 44.95
N VAL C 130 50.80 -0.21 45.25
CA VAL C 130 50.30 -1.32 46.07
C VAL C 130 50.80 -1.12 47.50
N TYR C 131 49.89 -1.29 48.45
CA TYR C 131 50.22 -1.11 49.86
C TYR C 131 49.65 -2.26 50.68
N PRO C 132 50.49 -3.08 51.30
CA PRO C 132 49.98 -4.16 52.15
C PRO C 132 49.22 -3.63 53.36
N LEU C 133 48.39 -4.49 53.92
CA LEU C 133 47.62 -4.18 55.13
C LEU C 133 47.52 -5.44 55.95
N ALA C 134 48.19 -5.44 57.10
CA ALA C 134 48.25 -6.51 58.08
C ALA C 134 47.84 -5.96 59.44
N PRO C 135 47.33 -6.80 60.34
CA PRO C 135 46.88 -6.29 61.64
C PRO C 135 48.05 -5.83 62.50
N VAL C 136 47.70 -5.21 63.63
CA VAL C 136 48.69 -4.67 64.54
C VAL C 136 49.49 -5.78 65.21
N SER C 144 41.48 -16.27 63.78
CA SER C 144 41.51 -15.99 62.35
C SER C 144 42.23 -14.69 62.06
N VAL C 145 42.88 -14.60 60.90
CA VAL C 145 43.66 -13.44 60.50
C VAL C 145 43.10 -12.90 59.20
N THR C 146 42.90 -11.59 59.14
CA THR C 146 42.45 -10.89 57.94
C THR C 146 43.59 -10.02 57.42
N LEU C 147 43.86 -10.12 56.12
CA LEU C 147 44.90 -9.35 55.47
C LEU C 147 44.38 -8.76 54.17
N GLY C 148 45.18 -7.89 53.56
CA GLY C 148 44.81 -7.38 52.25
C GLY C 148 45.69 -6.28 51.71
N CYS C 149 45.94 -6.28 50.41
CA CYS C 149 46.75 -5.24 49.78
C CYS C 149 45.84 -4.29 48.99
N LEU C 150 46.01 -3.00 49.23
CA LEU C 150 45.20 -1.97 48.60
C LEU C 150 45.95 -1.34 47.43
N VAL C 151 45.24 -1.11 46.34
CA VAL C 151 45.80 -0.46 45.15
C VAL C 151 45.30 0.97 45.10
N LYS C 152 46.22 1.91 44.94
CA LYS C 152 45.88 3.33 45.00
C LYS C 152 46.48 4.06 43.81
N GLY C 153 45.73 5.05 43.32
CA GLY C 153 46.23 5.97 42.31
C GLY C 153 46.59 5.35 40.98
N TYR C 154 45.68 4.58 40.39
CA TYR C 154 45.91 3.98 39.09
C TYR C 154 44.85 4.44 38.11
N PHE C 155 45.18 4.36 36.83
CA PHE C 155 44.27 4.73 35.75
C PHE C 155 44.82 4.17 34.45
N PRO C 156 43.97 3.60 33.59
CA PRO C 156 42.53 3.41 33.85
C PRO C 156 42.16 1.99 34.23
N GLU C 157 40.86 1.70 34.21
CA GLU C 157 40.38 0.34 34.43
C GLU C 157 40.93 -0.59 33.34
N PRO C 158 41.19 -1.86 33.70
CA PRO C 158 41.08 -2.35 35.07
C PRO C 158 42.42 -2.77 35.65
N VAL C 159 42.37 -3.37 36.85
CA VAL C 159 43.51 -4.01 37.47
C VAL C 159 43.05 -5.38 37.94
N THR C 160 43.72 -6.43 37.48
CA THR C 160 43.31 -7.80 37.79
C THR C 160 44.09 -8.28 39.01
N LEU C 161 43.64 -7.84 40.19
CA LEU C 161 44.24 -8.28 41.43
C LEU C 161 43.93 -9.75 41.66
N THR C 162 44.91 -10.46 42.25
CA THR C 162 44.76 -11.88 42.52
C THR C 162 45.57 -12.22 43.76
N TRP C 163 45.13 -13.25 44.48
CA TRP C 163 45.79 -13.70 45.70
C TRP C 163 46.49 -15.02 45.41
N ASN C 164 47.83 -15.01 45.51
CA ASN C 164 48.64 -16.20 45.33
C ASN C 164 48.50 -16.80 43.92
N SER C 165 48.29 -15.93 42.93
CA SER C 165 48.21 -16.34 41.53
C SER C 165 47.11 -17.38 41.31
N GLY C 166 45.98 -17.20 42.00
CA GLY C 166 44.82 -18.04 41.82
C GLY C 166 44.72 -19.20 42.78
N SER C 167 45.83 -19.59 43.42
CA SER C 167 45.80 -20.72 44.34
C SER C 167 45.09 -20.39 45.66
N LEU C 168 44.73 -19.12 45.88
CA LEU C 168 43.98 -18.69 47.06
C LEU C 168 42.75 -17.93 46.56
N SER C 169 41.70 -18.68 46.22
CA SER C 169 40.48 -18.10 45.68
C SER C 169 39.31 -18.15 46.65
N SER C 170 39.48 -18.76 47.82
CA SER C 170 38.42 -18.85 48.81
C SER C 170 38.66 -17.81 49.92
N GLY C 171 37.57 -17.18 50.37
CA GLY C 171 37.69 -16.18 51.41
C GLY C 171 38.27 -14.86 50.94
N VAL C 172 38.10 -14.52 49.66
CA VAL C 172 38.62 -13.29 49.08
C VAL C 172 37.45 -12.37 48.76
N HIS C 173 37.61 -11.09 49.05
CA HIS C 173 36.59 -10.08 48.78
C HIS C 173 37.27 -8.88 48.11
N THR C 174 37.18 -8.82 46.79
CA THR C 174 37.78 -7.74 46.01
C THR C 174 36.70 -6.68 45.78
N PHE C 175 36.76 -5.61 46.57
CA PHE C 175 35.79 -4.55 46.43
C PHE C 175 36.00 -3.80 45.12
N PRO C 176 34.93 -3.30 44.50
CA PRO C 176 35.07 -2.59 43.23
C PRO C 176 35.85 -1.29 43.40
N ALA C 177 36.53 -0.91 42.34
CA ALA C 177 37.31 0.32 42.34
C ALA C 177 36.40 1.54 42.37
N VAL C 178 36.85 2.57 43.09
CA VAL C 178 36.09 3.81 43.23
C VAL C 178 37.01 4.97 42.89
N LEU C 179 36.46 5.96 42.19
CA LEU C 179 37.25 7.11 41.76
C LEU C 179 37.62 7.98 42.94
N GLN C 180 38.92 8.29 43.07
CA GLN C 180 39.44 9.15 44.14
C GLN C 180 40.30 10.23 43.49
N SER C 181 39.65 11.33 43.09
CA SER C 181 40.30 12.47 42.44
C SER C 181 41.04 12.03 41.18
N ASP C 182 40.24 11.72 40.16
CA ASP C 182 40.72 11.40 38.82
C ASP C 182 41.56 10.13 38.77
N LEU C 183 41.70 9.45 39.90
CA LEU C 183 42.45 8.19 39.97
C LEU C 183 41.65 7.19 40.79
N TYR C 184 41.70 5.93 40.37
CA TYR C 184 40.90 4.89 41.00
C TYR C 184 41.61 4.30 42.20
N THR C 185 40.82 3.74 43.11
CA THR C 185 41.32 3.04 44.28
C THR C 185 40.57 1.74 44.45
N LEU C 186 41.30 0.67 44.72
CA LEU C 186 40.74 -0.67 44.85
C LEU C 186 41.27 -1.31 46.13
N SER C 187 40.48 -2.21 46.70
CA SER C 187 40.87 -2.92 47.91
C SER C 187 40.56 -4.39 47.75
N SER C 188 41.20 -5.21 48.58
CA SER C 188 40.99 -6.65 48.58
C SER C 188 41.20 -7.17 49.99
N SER C 189 40.37 -8.14 50.36
CA SER C 189 40.41 -8.74 51.69
C SER C 189 40.59 -10.24 51.56
N VAL C 190 41.26 -10.82 52.57
CA VAL C 190 41.42 -12.27 52.62
C VAL C 190 41.48 -12.70 54.09
N THR C 191 40.56 -13.58 54.48
CA THR C 191 40.47 -14.08 55.84
C THR C 191 40.86 -15.54 55.86
N VAL C 192 41.94 -15.87 56.56
CA VAL C 192 42.49 -17.21 56.62
C VAL C 192 42.74 -17.57 58.08
N THR C 193 42.69 -18.86 58.38
CA THR C 193 42.90 -19.34 59.74
C THR C 193 44.22 -18.84 60.30
N SER C 194 44.30 -18.79 61.64
CA SER C 194 45.47 -18.24 62.32
C SER C 194 46.72 -19.09 62.15
N SER C 195 46.60 -20.30 61.59
CA SER C 195 47.76 -21.16 61.45
C SER C 195 48.56 -20.84 60.18
N THR C 196 47.89 -20.37 59.13
CA THR C 196 48.58 -20.13 57.86
C THR C 196 49.39 -18.84 57.88
N TRP C 197 48.99 -17.86 58.70
CA TRP C 197 49.74 -16.61 58.78
C TRP C 197 50.21 -16.39 60.21
N PRO C 198 51.43 -15.87 60.41
CA PRO C 198 52.39 -15.46 59.38
C PRO C 198 53.35 -16.57 58.94
N SER C 199 52.83 -17.79 58.76
CA SER C 199 53.67 -18.90 58.32
C SER C 199 53.70 -18.99 56.80
N ILE C 202 51.87 -15.81 52.17
CA ILE C 202 51.04 -15.55 51.01
C ILE C 202 51.46 -14.26 50.31
N THR C 203 51.05 -14.09 49.05
CA THR C 203 51.48 -12.97 48.23
C THR C 203 50.35 -12.54 47.31
N CYS C 204 50.14 -11.24 47.20
CA CYS C 204 49.12 -10.69 46.31
C CYS C 204 49.78 -10.10 45.08
N ASN C 205 49.19 -10.38 43.91
CA ASN C 205 49.71 -9.96 42.62
C ASN C 205 48.72 -9.01 41.97
N VAL C 206 49.16 -7.79 41.68
CA VAL C 206 48.36 -6.78 41.00
C VAL C 206 48.91 -6.62 39.59
N ALA C 207 48.01 -6.62 38.61
CA ALA C 207 48.40 -6.50 37.21
C ALA C 207 47.55 -5.40 36.57
N HIS C 208 48.21 -4.36 36.09
CA HIS C 208 47.59 -3.26 35.36
C HIS C 208 48.00 -3.37 33.90
N PRO C 209 47.16 -3.96 33.04
CA PRO C 209 47.58 -4.16 31.64
C PRO C 209 47.70 -2.86 30.86
N ALA C 210 46.89 -1.86 31.17
CA ALA C 210 46.93 -0.61 30.43
C ALA C 210 48.29 0.06 30.55
N SER C 211 48.88 0.03 31.74
CA SER C 211 50.23 0.53 31.94
C SER C 211 51.28 -0.58 31.89
N SER C 212 50.85 -1.83 31.74
CA SER C 212 51.74 -2.99 31.68
C SER C 212 52.62 -3.07 32.92
N THR C 213 51.96 -3.25 34.07
CA THR C 213 52.64 -3.31 35.35
C THR C 213 52.22 -4.57 36.09
N LYS C 214 53.19 -5.24 36.71
CA LYS C 214 52.93 -6.45 37.49
C LYS C 214 53.69 -6.32 38.80
N VAL C 215 52.97 -6.18 39.91
CA VAL C 215 53.56 -5.96 41.23
C VAL C 215 53.14 -7.10 42.15
N ASP C 216 54.12 -7.78 42.72
CA ASP C 216 53.88 -8.86 43.68
C ASP C 216 54.32 -8.39 45.06
N LYS C 217 53.43 -8.50 46.05
CA LYS C 217 53.72 -8.03 47.39
C LYS C 217 53.38 -9.10 48.41
N LYS C 218 54.33 -9.38 49.30
CA LYS C 218 54.16 -10.33 50.38
C LYS C 218 53.80 -9.60 51.66
N ILE C 219 52.75 -10.05 52.33
CA ILE C 219 52.33 -9.42 53.58
C ILE C 219 53.27 -9.84 54.71
N GLU C 220 53.81 -8.85 55.42
CA GLU C 220 54.71 -9.10 56.53
C GLU C 220 54.09 -8.58 57.83
N PRO C 221 54.26 -9.29 58.93
CA PRO C 221 53.70 -8.83 60.21
C PRO C 221 54.35 -7.54 60.68
N ARG C 222 53.55 -6.70 61.34
CA ARG C 222 54.03 -5.44 61.86
C ARG C 222 54.85 -5.66 63.13
C1 CLR D . 5.88 22.70 -11.21
C2 CLR D . 6.73 22.84 -9.94
C3 CLR D . 5.89 22.59 -8.71
C4 CLR D . 5.29 21.20 -8.78
C5 CLR D . 4.47 21.00 -10.04
C6 CLR D . 3.22 20.57 -9.97
C7 CLR D . 2.35 20.26 -11.15
C8 CLR D . 3.10 20.28 -12.47
C9 CLR D . 4.11 21.45 -12.49
C10 CLR D . 5.17 21.33 -11.36
C11 CLR D . 4.74 21.63 -13.87
C12 CLR D . 3.70 21.78 -14.99
C13 CLR D . 2.76 20.57 -15.03
C14 CLR D . 2.13 20.44 -13.64
C15 CLR D . 1.01 19.41 -13.82
C16 CLR D . 0.54 19.62 -15.27
C17 CLR D . 1.46 20.72 -15.88
C18 CLR D . 3.52 19.31 -15.45
C19 CLR D . 6.20 20.23 -11.64
C20 CLR D . 1.51 20.70 -17.41
C21 CLR D . 2.03 22.00 -18.01
C22 CLR D . 0.11 20.36 -17.98
C23 CLR D . 0.05 20.27 -19.49
C24 CLR D . 1.02 19.26 -20.08
C25 CLR D . 1.06 19.20 -21.59
C26 CLR D . 1.37 20.55 -22.21
C27 CLR D . 2.05 18.15 -22.08
O1 CLR D . 6.70 22.72 -7.53
C1 CLR E . 3.43 28.42 -5.41
C2 CLR E . 4.16 29.14 -4.28
C3 CLR E . 3.34 29.16 -3.01
C4 CLR E . 3.00 27.74 -2.60
C5 CLR E . 2.31 26.99 -3.72
C6 CLR E . 1.14 26.37 -3.50
C7 CLR E . 0.41 25.52 -4.49
C8 CLR E . 1.24 25.21 -5.73
C9 CLR E . 2.02 26.47 -6.17
C10 CLR E . 3.00 26.97 -5.07
C11 CLR E . 2.71 26.26 -7.52
C12 CLR E . 1.73 25.79 -8.62
C13 CLR E . 1.02 24.50 -8.21
C14 CLR E . 0.33 24.77 -6.86
C15 CLR E . -0.57 23.56 -6.66
C16 CLR E . -1.06 23.22 -8.08
C17 CLR E . -0.22 24.08 -9.06
C18 CLR E . 2.02 23.33 -8.13
C19 CLR E . 4.24 26.08 -4.96
C20 CLR E . -0.07 23.41 -10.44
C21 CLR E . 0.62 24.30 -11.47
C22 CLR E . -1.45 22.98 -10.95
C23 CLR E . -1.46 22.34 -12.32
C24 CLR E . -2.86 22.07 -12.83
C25 CLR E . -3.78 23.30 -12.90
C26 CLR E . -3.23 24.34 -13.87
C27 CLR E . -5.19 22.91 -13.28
O1 CLR E . 4.07 29.82 -1.96
C1 CLR F . -24.37 15.50 -20.24
C2 CLR F . -24.72 14.77 -21.54
C3 CLR F . -23.91 13.49 -21.68
C4 CLR F . -24.15 12.60 -20.49
C5 CLR F . -23.85 13.31 -19.18
C6 CLR F . -23.00 12.79 -18.31
C7 CLR F . -22.71 13.36 -16.95
C8 CLR F . -23.72 14.44 -16.55
C9 CLR F . -23.96 15.38 -17.74
C10 CLR F . -24.57 14.64 -18.97
C11 CLR F . -24.77 16.61 -17.34
C12 CLR F . -24.21 17.35 -16.11
C13 CLR F . -24.10 16.40 -14.91
C14 CLR F . -23.19 15.24 -15.37
C15 CLR F . -22.86 14.51 -14.07
C16 CLR F . -22.68 15.64 -13.05
C17 CLR F . -23.29 16.93 -13.68
C18 CLR F . -25.48 15.91 -14.47
C19 CLR F . -26.06 14.34 -18.76
C20 CLR F . -23.97 17.82 -12.62
C21 CLR F . -24.42 19.17 -13.18
C22 CLR F . -23.04 18.02 -11.42
C23 CLR F . -23.66 18.73 -10.24
C24 CLR F . -22.68 19.03 -9.14
C25 CLR F . -23.26 19.70 -7.90
C26 CLR F . -24.02 20.97 -8.26
C27 CLR F . -22.18 20.01 -6.88
O1 CLR F . -24.29 12.81 -22.89
C1 CLR G . -19.39 12.05 -22.01
C2 CLR G . -19.35 11.18 -23.27
C3 CLR G . -20.31 11.68 -24.31
C4 CLR G . -19.99 13.13 -24.65
C5 CLR G . -19.99 14.00 -23.41
C6 CLR G . -20.74 15.09 -23.36
C7 CLR G . -20.73 16.08 -22.24
C8 CLR G . -19.58 15.86 -21.25
C9 CLR G . -19.43 14.35 -20.98
C10 CLR G . -19.10 13.54 -22.27
C11 CLR G . -18.44 14.08 -19.84
C12 CLR G . -18.75 14.87 -18.57
C13 CLR G . -18.79 16.37 -18.85
C14 CLR G . -19.84 16.59 -19.95
C15 CLR G . -20.06 18.10 -19.98
C16 CLR G . -19.92 18.52 -18.51
C17 CLR G . -19.39 17.29 -17.73
C18 CLR G . -17.40 16.90 -19.26
C19 CLR G . -17.64 13.73 -22.70
C20 CLR G . -18.54 17.68 -16.51
C21 CLR G . -18.31 16.53 -15.54
C22 CLR G . -19.18 18.89 -15.79
C23 CLR G . -18.29 19.58 -14.77
C24 CLR G . -18.62 19.22 -13.34
C25 CLR G . -19.39 20.27 -12.54
C26 CLR G . -18.65 21.60 -12.51
C27 CLR G . -20.80 20.47 -13.08
O1 CLR G . -20.21 10.87 -25.49
C1 CLR H . -11.10 -10.81 9.89
C2 CLR H . -11.38 -10.52 11.37
C3 CLR H . -11.89 -9.12 11.57
C4 CLR H . -13.14 -8.89 10.73
C5 CLR H . -12.90 -9.21 9.27
C6 CLR H . -13.17 -8.32 8.32
C7 CLR H . -13.13 -8.60 6.86
C8 CLR H . -12.99 -10.10 6.56
C9 CLR H . -11.91 -10.69 7.48
C10 CLR H . -12.33 -10.59 8.98
C11 CLR H . -11.51 -12.12 7.08
C12 CLR H . -11.22 -12.28 5.58
C13 CLR H . -12.41 -11.81 4.74
C14 CLR H . -12.63 -10.34 5.10
C15 CLR H . -13.57 -9.80 4.02
C16 CLR H . -13.25 -10.64 2.78
C17 CLR H . -12.19 -11.70 3.20
C18 CLR H . -13.64 -12.67 5.03
C19 CLR H . -13.41 -11.63 9.32
C20 CLR H . -12.23 -12.98 2.34
C21 CLR H . -10.85 -13.55 2.02
C22 CLR H . -13.08 -12.79 1.07
C23 CLR H . -12.37 -12.29 -0.16
C24 CLR H . -12.15 -13.36 -1.20
C25 CLR H . -11.72 -12.85 -2.58
C26 CLR H . -10.54 -11.91 -2.49
C27 CLR H . -11.41 -14.01 -3.52
O1 CLR H . -12.19 -8.90 12.95
C1 CLR I . 13.04 8.06 -5.86
C2 CLR I . 13.40 7.62 -4.43
C3 CLR I . 12.35 6.71 -3.87
C4 CLR I . 12.21 5.49 -4.77
C5 CLR I . 11.89 5.87 -6.19
C6 CLR I . 10.85 5.36 -6.82
C7 CLR I . 10.51 5.59 -8.26
C8 CLR I . 11.61 6.31 -9.03
C9 CLR I . 12.20 7.43 -8.15
C10 CLR I . 12.83 6.88 -6.84
C11 CLR I . 13.17 8.32 -8.95
C12 CLR I . 12.54 8.88 -10.23
C13 CLR I . 12.02 7.76 -11.14
C14 CLR I . 11.03 6.93 -10.29
C15 CLR I . 10.35 6.02 -11.31
C16 CLR I . 10.26 6.88 -12.58
C17 CLR I . 11.07 8.18 -12.30
C18 CLR I . 13.18 6.92 -11.69
C19 CLR I . 14.18 6.17 -7.10
C20 CLR I . 11.62 8.82 -13.59
C21 CLR I . 12.02 10.28 -13.42
C22 CLR I . 10.62 8.66 -14.74
C23 CLR I . 11.16 8.91 -16.12
C24 CLR I . 10.19 8.53 -17.21
C25 CLR I . 9.72 7.07 -17.20
C26 CLR I . 8.73 6.78 -18.31
C27 CLR I . 10.91 6.11 -17.28
O1 CLR I . 12.70 6.30 -2.54
C1 CLR J . -7.54 28.90 -2.35
C2 CLR J . -6.93 29.40 -1.04
C3 CLR J . -5.44 29.10 -0.98
C4 CLR J . -4.75 29.75 -2.16
C5 CLR J . -5.36 29.32 -3.48
C6 CLR J . -4.60 28.81 -4.44
C7 CLR J . -5.08 28.42 -5.80
C8 CLR J . -6.49 28.94 -6.09
C9 CLR J . -7.38 28.73 -4.86
C10 CLR J . -6.87 29.50 -3.61
C11 CLR J . -8.85 29.05 -5.18
C12 CLR J . -9.38 28.34 -6.42
C13 CLR J . -8.52 28.65 -7.66
C14 CLR J . -7.09 28.22 -7.30
C15 CLR J . -6.34 28.26 -8.62
C16 CLR J . -7.38 27.76 -9.64
C17 CLR J . -8.75 27.75 -8.92
C18 CLR J . -8.59 30.15 -8.01
C19 CLR J . -7.16 31.00 -3.70
C20 CLR J . -9.92 27.96 -9.92
C21 CLR J . -9.64 29.01 -10.99
C22 CLR J . -11.24 28.27 -9.18
C23 CLR J . -12.44 28.53 -10.06
C24 CLR J . -13.17 27.29 -10.51
C25 CLR J . -12.57 26.52 -11.68
C26 CLR J . -13.42 25.32 -12.05
C27 CLR J . -12.37 27.42 -12.89
O1 CLR J . -4.90 29.61 0.25
C1 CLR K . -1.29 -15.93 5.94
C2 CLR K . -0.53 -15.82 7.27
C3 CLR K . -1.12 -14.77 8.18
C4 CLR K . -2.59 -15.09 8.43
C5 CLR K . -3.37 -15.23 7.14
C6 CLR K . -4.47 -14.52 6.93
C7 CLR K . -5.36 -14.66 5.74
C8 CLR K . -5.05 -15.90 4.91
C9 CLR K . -3.52 -16.04 4.76
C10 CLR K . -2.80 -16.22 6.12
C11 CLR K . -3.15 -17.15 3.75
C12 CLR K . -3.87 -17.02 2.41
C13 CLR K . -5.39 -16.98 2.59
C14 CLR K . -5.69 -15.81 3.54
C15 CLR K . -7.21 -15.64 3.45
C16 CLR K . -7.50 -15.88 1.96
C17 CLR K . -6.24 -16.57 1.35
C18 CLR K . -5.91 -18.32 3.17
C19 CLR K . -2.99 -17.64 6.69
C20 CLR K . -6.63 -17.62 0.29
C21 CLR K . -5.42 -18.23 -0.42
C22 CLR K . -7.59 -17.00 -0.74
C23 CLR K . -8.12 -17.97 -1.77
C24 CLR K . -9.03 -17.30 -2.78
C25 CLR K . -9.58 -18.23 -3.87
C26 CLR K . -10.40 -19.35 -3.28
C27 CLR K . -10.40 -17.46 -4.90
O1 CLR K . -0.41 -14.73 9.42
C1 CLR L . -18.08 5.66 7.16
C2 CLR L . -17.42 5.04 8.39
C3 CLR L . -17.90 5.70 9.66
C4 CLR L . -19.40 5.57 9.76
C5 CLR L . -20.10 6.14 8.55
C6 CLR L . -21.06 7.05 8.68
C7 CLR L . -21.88 7.60 7.56
C8 CLR L . -21.67 6.84 6.24
C9 CLR L . -20.18 6.53 6.06
C10 CLR L . -19.63 5.62 7.20
C11 CLR L . -19.88 5.97 4.66
C12 CLR L . -20.42 6.87 3.54
C13 CLR L . -21.93 7.09 3.67
C14 CLR L . -22.16 7.69 5.07
C15 CLR L . -23.61 8.16 5.06
C16 CLR L . -23.87 8.55 3.59
C17 CLR L . -22.57 8.21 2.81
C18 CLR L . -22.69 5.76 3.47
C19 CLR L . -20.11 4.16 7.05
C20 CLR L . -22.81 8.01 1.30
C21 CLR L . -21.54 8.17 0.46
C22 CLR L . -23.92 8.93 0.80
C23 CLR L . -24.39 8.65 -0.61
C24 CLR L . -25.52 9.55 -1.05
C25 CLR L . -26.08 9.26 -2.44
C26 CLR L . -27.22 10.20 -2.78
C27 CLR L . -26.54 7.82 -2.56
O1 CLR L . -17.27 5.10 10.80
C1 CLR M . 4.53 -17.91 4.09
C2 CLR M . 5.13 -17.64 5.47
C3 CLR M . 4.75 -16.27 5.98
C4 CLR M . 3.24 -16.15 6.03
C5 CLR M . 2.60 -16.45 4.68
C6 CLR M . 1.77 -15.59 4.12
C7 CLR M . 1.01 -15.82 2.85
C8 CLR M . 1.09 -17.27 2.37
C9 CLR M . 2.53 -17.80 2.56
C10 CLR M . 2.99 -17.77 4.04
C11 CLR M . 2.71 -19.17 1.90
C12 CLR M . 2.27 -19.20 0.43
C13 CLR M . 0.81 -18.76 0.28
C14 CLR M . 0.70 -17.37 0.92
C15 CLR M . -0.68 -16.87 0.48
C16 CLR M . -0.83 -17.42 -0.95
C17 CLR M . 0.32 -18.44 -1.16
C18 CLR M . -0.13 -19.77 0.95
C19 CLR M . 2.33 -18.91 4.86
C20 CLR M . -0.08 -19.57 -2.13
C21 CLR M . 1.09 -20.44 -2.59
C22 CLR M . -0.84 -19.01 -3.34
C23 CLR M . -1.65 -20.01 -4.11
C24 CLR M . -2.75 -20.64 -3.28
C25 CLR M . -3.66 -21.62 -4.03
C26 CLR M . -2.86 -22.80 -4.56
C27 CLR M . -4.79 -22.11 -3.14
O1 CLR M . 5.30 -16.06 7.29
C1 CLR N . 11.21 6.72 -43.90
C2 CLR N . 11.07 7.02 -45.39
C3 CLR N . 9.64 7.27 -45.78
C4 CLR N . 9.08 8.41 -44.96
C5 CLR N . 9.23 8.17 -43.47
C6 CLR N . 8.18 8.25 -42.66
C7 CLR N . 8.24 8.15 -41.17
C8 CLR N . 9.67 8.16 -40.63
C9 CLR N . 10.57 7.29 -41.53
C10 CLR N . 10.64 7.83 -42.99
C11 CLR N . 11.96 7.10 -40.91
C12 CLR N . 11.92 6.58 -39.46
C13 CLR N . 11.11 7.52 -38.57
C14 CLR N . 9.71 7.63 -39.20
C15 CLR N . 8.86 8.32 -38.14
C16 CLR N . 9.48 7.87 -36.80
C17 CLR N . 10.72 7.00 -37.16
C18 CLR N . 11.81 8.90 -38.46
C19 CLR N . 11.50 9.10 -43.10
C20 CLR N . 11.76 6.96 -36.03
C21 CLR N . 12.71 5.76 -36.12
C22 CLR N . 11.06 7.01 -34.66
C23 CLR N . 11.99 7.16 -33.47
C24 CLR N . 11.25 7.40 -32.18
C25 CLR N . 12.13 7.58 -30.94
C26 CLR N . 12.91 6.32 -30.62
C27 CLR N . 11.32 8.02 -29.74
O1 CLR N . 9.55 7.57 -47.18
P 3PE O . 7.14 -10.25 -40.03
N 3PE O . 6.50 -10.46 -44.28
O11 3PE O . 7.09 -10.77 -38.47
O12 3PE O . 6.25 -9.05 -40.06
O13 3PE O . 6.40 -11.50 -40.81
O14 3PE O . 8.55 -10.26 -40.52
C11 3PE O . 5.79 -11.28 -42.06
C12 3PE O . 6.84 -11.34 -43.14
C1 3PE O . 5.90 -11.28 -37.94
C2 3PE O . 5.16 -10.19 -37.16
C3 3PE O . 5.00 -10.56 -35.69
O31 3PE O . 3.65 -10.28 -35.35
O32 3PE O . 3.19 -9.19 -33.47
C31 3PE O . 3.32 -10.22 -34.06
C32 3PE O . 3.13 -11.60 -33.48
C33 3PE O . 2.54 -11.61 -32.08
C34 3PE O . 1.07 -11.22 -32.08
C35 3PE O . 0.44 -11.20 -30.70
C36 3PE O . -1.01 -10.73 -30.71
C37 3PE O . -1.81 -11.08 -29.47
C38 3PE O . -2.45 -12.45 -29.55
C39 3PE O . -1.59 -13.59 -28.99
C3A 3PE O . -1.50 -14.78 -29.94
C3B 3PE O . -0.42 -15.79 -29.58
C3C 3PE O . -0.23 -16.87 -30.64
O21 3PE O . 5.82 -8.91 -37.20
O22 3PE O . 7.87 -9.14 -36.38
C21 3PE O . 6.81 -8.57 -36.40
C22 3PE O . 6.45 -7.40 -35.54
C23 3PE O . 7.35 -7.23 -34.32
C24 3PE O . 6.52 -7.06 -33.05
C25 3PE O . 6.29 -8.35 -32.29
C26 3PE O . 7.56 -8.91 -31.66
C27 3PE O . 8.36 -7.86 -30.89
C28 3PE O . 9.05 -8.44 -29.67
C29 3PE O . 8.08 -8.85 -28.56
C2A 3PE O . 8.78 -9.13 -27.24
C2B 3PE O . 9.59 -7.95 -26.72
C2C 3PE O . 10.29 -8.22 -25.39
C1 CLR P . 12.92 1.24 -7.65
C2 CLR P . 13.37 1.36 -6.20
C3 CLR P . 12.62 0.42 -5.29
C4 CLR P . 12.80 -1.00 -5.78
C5 CLR P . 12.39 -1.16 -7.24
C6 CLR P . 11.50 -2.08 -7.59
C7 CLR P . 11.11 -2.39 -9.01
C8 CLR P . 12.02 -1.72 -10.03
C9 CLR P . 12.30 -0.27 -9.59
C10 CLR P . 13.04 -0.20 -8.22
C11 CLR P . 13.03 0.53 -10.69
C12 CLR P . 12.34 0.45 -12.06
C13 CLR P . 12.20 -1.01 -12.51
C14 CLR P . 11.38 -1.72 -11.41
C15 CLR P . 11.00 -3.06 -12.03
C16 CLR P . 10.72 -2.71 -13.51
C17 CLR P . 11.29 -1.28 -13.74
C18 CLR P . 13.57 -1.66 -12.71
C19 CLR P . 14.52 -0.59 -8.35
C20 CLR P . 11.86 -1.11 -15.17
C21 CLR P . 12.22 0.33 -15.52
C22 CLR P . 10.92 -1.70 -16.22
C23 CLR P . 11.58 -2.08 -17.53
C24 CLR P . 10.65 -2.04 -18.72
C25 CLR P . 10.78 -0.80 -19.61
C26 CLR P . 10.34 0.47 -18.89
C27 CLR P . 10.02 -0.96 -20.91
O1 CLR P . 13.09 0.55 -3.96
C10 R0Z Q . -9.68 4.08 -8.05
C15 R0Z Q . -12.40 3.75 -8.61
C17 R0Z Q . -10.11 3.35 -9.20
C21 R0Z Q . -8.86 1.93 -12.46
C22 R0Z Q . -7.51 1.62 -12.42
C24 R0Z Q . -7.49 1.21 -14.81
C26 R0Z Q . -9.51 1.92 -13.68
C28 R0Z Q . -6.54 2.04 -17.01
C01 R0Z Q . -4.27 4.57 -6.96
C03 R0Z Q . -6.53 5.10 -6.41
C04 R0Z Q . -6.10 5.80 -5.32
C05 R0Z Q . -7.03 6.37 -4.44
C06 R0Z Q . -8.38 6.24 -4.66
C07 R0Z Q . -8.86 5.53 -5.77
C08 R0Z Q . -7.91 4.94 -6.67
C11 R0Z Q . -10.67 4.63 -7.18
C12 R0Z Q . -10.28 5.39 -6.01
C14 R0Z Q . -12.03 4.45 -7.50
C16 R0Z Q . -11.45 3.21 -9.46
C18 R0Z Q . -9.09 2.77 -10.13
C23 R0Z Q . -6.83 1.26 -13.57
C25 R0Z Q . -8.83 1.56 -14.84
C27 R0Z Q . -6.73 0.86 -16.06
C30 R0Z Q . -5.21 4.13 -17.50
C31 R0Z Q . -4.28 5.18 -16.91
C32 R0Z Q . -4.47 5.47 -15.44
C33 R0Z Q . -3.56 6.28 -14.74
C34 R0Z Q . -3.71 6.53 -13.39
C35 R0Z Q . -4.80 5.95 -12.70
C36 R0Z Q . -5.67 5.14 -13.37
C37 R0Z Q . -5.53 4.91 -14.75
C38 R0Z Q . -6.49 4.01 -15.46
C40 R0Z Q . -5.07 5.10 -10.51
C42 R0Z Q . -1.69 7.77 -13.24
N09 R0Z Q . -8.36 4.25 -7.77
N20 R0Z Q . -9.58 2.33 -11.31
N29 R0Z Q . -5.74 3.19 -16.46
O02 R0Z Q . -5.67 4.52 -7.29
O13 R0Z Q . -11.13 5.90 -5.24
O19 R0Z Q . -7.91 2.74 -9.82
O39 R0Z Q . -4.87 6.23 -11.37
O41 R0Z Q . -2.89 7.31 -12.63
C10 R0Z R . -21.40 -0.11 -16.36
C15 R0Z R . -23.20 -1.76 -17.72
C17 R0Z R . -22.80 0.03 -16.16
C21 R0Z R . -25.09 1.91 -16.69
C22 R0Z R . -24.55 2.14 -17.94
C24 R0Z R . -26.74 2.03 -18.94
C26 R0Z R . -26.46 1.75 -16.56
C28 R0Z R . -28.13 0.77 -20.73
C01 R0Z R . -17.92 3.02 -13.41
C03 R0Z R . -18.26 1.44 -15.15
C04 R0Z R . -16.91 1.32 -15.33
C05 R0Z R . -16.39 0.37 -16.22
C06 R0Z R . -17.23 -0.47 -16.92
C07 R0Z R . -18.62 -0.39 -16.76
C08 R0Z R . -19.15 0.59 -15.86
C11 R0Z R . -20.93 -1.09 -17.27
C12 R0Z R . -19.50 -1.26 -17.50
C14 R0Z R . -21.86 -1.91 -17.94
C16 R0Z R . -23.67 -0.80 -16.83
C18 R0Z R . -23.25 1.08 -15.18
C23 R0Z R . -25.37 2.19 -19.05
C25 R0Z R . -27.28 1.80 -17.69
C27 R0Z R . -27.64 2.10 -20.16
C30 R0Z R . -26.29 1.05 -22.37
C31 R0Z R . -25.40 0.32 -23.36
C32 R0Z R . -24.70 -0.88 -22.78
C33 R0Z R . -23.65 -1.50 -23.47
C34 R0Z R . -23.00 -2.60 -22.95
C35 R0Z R . -23.39 -3.12 -21.71
C36 R0Z R . -24.43 -2.51 -21.03
C37 R0Z R . -25.09 -1.40 -21.55
C38 R0Z R . -26.21 -0.79 -20.75
C40 R0Z R . -23.21 -4.89 -20.15
C42 R0Z R . -21.36 -2.60 -24.67
N09 R0Z R . -20.51 0.69 -15.69
N20 R0Z R . -24.32 1.86 -15.50
N29 R0Z R . -27.10 0.07 -21.58
O02 R0Z R . -18.80 2.35 -14.30
O13 R0Z R . -19.06 -2.12 -18.29
O19 R0Z R . -22.62 1.20 -14.14
O39 R0Z R . -22.70 -4.21 -21.28
O41 R0Z R . -21.97 -3.25 -23.57
C10 R0Z S . -13.72 -3.37 -23.97
C15 R0Z S . -11.44 -4.96 -23.96
C17 R0Z S . -12.88 -3.42 -22.82
C21 R0Z S . -12.89 -2.58 -19.14
C22 R0Z S . -12.70 -1.23 -18.91
C24 R0Z S . -13.22 -1.53 -16.57
C26 R0Z S . -13.25 -3.42 -18.10
C28 R0Z S . -12.14 -1.19 -14.34
C01 R0Z S . -17.82 0.24 -24.04
C03 R0Z S . -16.83 -1.69 -25.05
C04 R0Z S . -17.67 -1.62 -26.14
C05 R0Z S . -17.37 -2.36 -27.29
C06 R0Z S . -16.26 -3.17 -27.34
C07 R0Z S . -15.39 -3.26 -26.24
C08 R0Z S . -15.68 -2.51 -25.07
C11 R0Z S . -13.38 -4.14 -25.11
C12 R0Z S . -14.21 -4.12 -26.31
C14 R0Z S . -12.22 -4.94 -25.06
C16 R0Z S . -11.77 -4.22 -22.84
C18 R0Z S . -13.21 -2.62 -21.60
C23 R0Z S . -12.86 -0.72 -17.62
C25 R0Z S . -13.41 -2.89 -16.83
C27 R0Z S . -13.39 -0.98 -15.17
C30 R0Z S . -13.56 -1.13 -12.29
C31 R0Z S . -13.78 -0.41 -10.97
C32 R0Z S . -12.53 -0.32 -10.13
C33 R0Z S . -12.62 0.04 -8.78
C34 R0Z S . -11.50 0.12 -7.99
C35 R0Z S . -10.24 -0.17 -8.54
C36 R0Z S . -10.15 -0.53 -9.86
C37 R0Z S . -11.29 -0.61 -10.66
C38 R0Z S . -11.12 -1.01 -12.11
C40 R0Z S . -7.88 -0.15 -8.25
C42 R0Z S . -12.74 0.88 -6.10
N09 R0Z S . -14.85 -2.58 -23.99
N20 R0Z S . -12.72 -3.12 -20.44
N29 R0Z S . -12.31 -0.65 -12.94
O02 R0Z S . -17.08 -0.98 -23.91
O13 R0Z S . -13.94 -4.78 -27.31
O19 R0Z S . -13.89 -1.60 -21.68
O39 R0Z S . -9.18 -0.06 -7.68
O41 R0Z S . -11.50 0.47 -6.67
#